data_6RPE
#
_entry.id   6RPE
#
_cell.length_a   50.853
_cell.length_b   76.592
_cell.length_c   76.308
_cell.angle_alpha   90.00
_cell.angle_beta   107.87
_cell.angle_gamma   90.00
#
_symmetry.space_group_name_H-M   'P 1 21 1'
#
loop_
_entity.id
_entity.type
_entity.pdbx_description
1 polymer 'Iron-dependent peroxidase'
2 non-polymer 'PROTOPORPHYRIN IX CONTAINING FE'
3 non-polymer GLYCEROL
4 non-polymer 'MAGNESIUM ION'
5 non-polymer 'CYANIDE ION'
6 water water
#
_entity_poly.entity_id   1
_entity_poly.type   'polypeptide(L)'
_entity_poly.pdbx_seq_one_letter_code
;PLGMSQVQSGILPEHCRAAIWIEANLKGDVNALREASKIFVDNVATFQAKFPDAKLGAVVAFGNNVWRQLSGGEGADELK
DFPVYGKGLAPSTQYDLLIHILSARHEVNFSVAQAALAAFGDAIDVKEEIHGFRWVEERDLSGFVDGTENPAGEETRREV
AVIKDGVDAGGSYVFVQRWEHNLKQLNRMSVPDQEMMIGRTKDANEEIDGDERPVTSHLSRVDLKEDGKGLKIVRQSLPY
GTASGTHGLYFCAYCARLYNIEQQLLSMFGDTDGKRDAMLRFTKPVTGGYYFAPSLERIQALG
;
_entity_poly.pdbx_strand_id   A,B
#
loop_
_chem_comp.id
_chem_comp.type
_chem_comp.name
_chem_comp.formula
CYN non-polymer 'CYANIDE ION' 'C N -1'
GOL non-polymer GLYCEROL 'C3 H8 O3'
HEM non-polymer 'PROTOPORPHYRIN IX CONTAINING FE' 'C34 H32 Fe N4 O4'
MG non-polymer 'MAGNESIUM ION' 'Mg 2'
#
# COMPACT_ATOMS: atom_id res chain seq x y z
N SER A 5 -24.69 0.21 -23.14
N SER A 5 -24.23 0.15 -25.73
CA SER A 5 -23.80 -0.24 -24.24
CA SER A 5 -23.81 -0.14 -24.36
C SER A 5 -22.40 0.31 -23.95
C SER A 5 -22.46 0.53 -24.03
N GLN A 6 -22.22 0.87 -22.76
CA GLN A 6 -20.96 1.49 -22.33
C GLN A 6 -20.23 0.59 -21.34
N VAL A 7 -18.95 0.37 -21.61
N VAL A 7 -18.96 0.37 -21.60
CA VAL A 7 -18.14 -0.50 -20.75
CA VAL A 7 -18.18 -0.52 -20.71
C VAL A 7 -17.82 0.22 -19.43
C VAL A 7 -17.87 0.22 -19.41
N GLN A 8 -17.78 -0.52 -18.30
CA GLN A 8 -17.34 0.10 -17.04
C GLN A 8 -15.90 0.61 -17.22
N SER A 9 -15.60 1.78 -16.63
CA SER A 9 -14.34 2.49 -16.86
C SER A 9 -13.04 1.76 -16.44
N GLY A 10 -13.11 0.75 -15.58
CA GLY A 10 -11.89 0.09 -15.09
C GLY A 10 -11.39 -1.11 -15.91
N ILE A 11 -12.14 -1.55 -16.95
CA ILE A 11 -11.70 -2.74 -17.70
C ILE A 11 -10.53 -2.49 -18.65
N LEU A 12 -10.67 -1.48 -19.50
CA LEU A 12 -9.72 -1.26 -20.59
C LEU A 12 -8.47 -0.44 -20.32
N PRO A 13 -8.39 0.48 -19.33
CA PRO A 13 -7.15 1.26 -19.19
C PRO A 13 -5.90 0.42 -19.05
N GLU A 14 -4.82 0.88 -19.70
CA GLU A 14 -3.52 0.22 -19.68
C GLU A 14 -2.53 1.03 -18.84
N HIS A 15 -1.47 0.38 -18.33
CA HIS A 15 -0.36 1.04 -17.63
C HIS A 15 -0.71 1.74 -16.31
N CYS A 16 -1.92 1.53 -15.73
CA CYS A 16 -2.22 2.18 -14.43
C CYS A 16 -1.23 1.68 -13.37
N ARG A 17 -0.63 2.59 -12.62
CA ARG A 17 0.40 2.16 -11.66
C ARG A 17 -0.14 1.58 -10.36
N ALA A 18 -1.41 1.87 -10.01
CA ALA A 18 -1.97 1.45 -8.72
C ALA A 18 -3.40 0.95 -8.82
N ALA A 19 -3.75 0.02 -7.95
CA ALA A 19 -5.13 -0.48 -7.91
C ALA A 19 -5.51 -0.89 -6.53
N ILE A 20 -6.83 -0.98 -6.30
CA ILE A 20 -7.39 -1.50 -5.07
C ILE A 20 -8.43 -2.51 -5.50
N TRP A 21 -8.39 -3.73 -4.92
CA TRP A 21 -9.41 -4.74 -5.16
C TRP A 21 -10.09 -5.00 -3.83
N ILE A 22 -11.42 -4.98 -3.79
CA ILE A 22 -12.17 -5.31 -2.60
C ILE A 22 -13.08 -6.48 -2.96
N GLU A 23 -13.02 -7.57 -2.19
CA GLU A 23 -13.89 -8.73 -2.37
C GLU A 23 -14.75 -8.84 -1.13
N ALA A 24 -16.07 -8.98 -1.31
CA ALA A 24 -17.00 -9.02 -0.18
C ALA A 24 -18.19 -9.93 -0.40
N ASN A 25 -18.80 -10.34 0.73
CA ASN A 25 -20.05 -11.13 0.71
C ASN A 25 -21.20 -10.24 1.05
N LEU A 26 -22.38 -10.59 0.58
CA LEU A 26 -23.65 -9.89 0.87
C LEU A 26 -24.18 -10.39 2.23
N LYS A 27 -24.50 -9.50 3.17
CA LYS A 27 -25.01 -9.90 4.51
C LYS A 27 -26.52 -10.09 4.53
N GLY A 28 -27.23 -9.21 3.88
CA GLY A 28 -28.69 -9.23 3.92
C GLY A 28 -29.31 -9.34 2.54
N ASP A 29 -30.40 -8.59 2.38
CA ASP A 29 -31.20 -8.69 1.17
C ASP A 29 -30.36 -8.16 -0.02
N VAL A 30 -30.40 -8.90 -1.15
CA VAL A 30 -29.69 -8.56 -2.40
C VAL A 30 -30.11 -7.20 -2.95
N ASN A 31 -31.28 -6.73 -2.55
CA ASN A 31 -31.81 -5.43 -3.01
C ASN A 31 -30.85 -4.30 -2.67
N ALA A 32 -30.20 -4.42 -1.54
CA ALA A 32 -29.26 -3.38 -1.06
C ALA A 32 -28.15 -3.08 -2.10
N LEU A 33 -27.80 -4.06 -2.92
CA LEU A 33 -26.74 -3.87 -3.95
C LEU A 33 -27.21 -2.93 -5.09
N ARG A 34 -28.52 -2.82 -5.29
CA ARG A 34 -29.07 -2.04 -6.41
C ARG A 34 -28.74 -0.55 -6.24
N GLU A 35 -29.23 0.09 -5.20
N GLU A 35 -29.24 0.06 -5.18
CA GLU A 35 -28.93 1.52 -5.00
CA GLU A 35 -28.94 1.48 -4.94
C GLU A 35 -27.42 1.70 -4.78
C GLU A 35 -27.44 1.70 -4.78
N ALA A 36 -26.77 0.85 -3.98
CA ALA A 36 -25.34 1.01 -3.70
C ALA A 36 -24.49 1.04 -4.98
N SER A 37 -24.78 0.15 -5.93
CA SER A 37 -24.02 0.09 -7.17
C SER A 37 -24.22 1.36 -8.00
N LYS A 38 -25.43 1.91 -8.04
CA LYS A 38 -25.71 3.16 -8.76
C LYS A 38 -24.96 4.31 -8.13
N ILE A 39 -25.01 4.38 -6.79
CA ILE A 39 -24.28 5.41 -6.04
C ILE A 39 -22.79 5.33 -6.36
N PHE A 40 -22.21 4.13 -6.28
CA PHE A 40 -20.80 3.94 -6.54
C PHE A 40 -20.36 4.36 -7.96
N VAL A 41 -21.06 3.93 -9.01
CA VAL A 41 -20.63 4.34 -10.35
C VAL A 41 -20.78 5.88 -10.53
N ASP A 42 -21.74 6.52 -9.85
CA ASP A 42 -21.85 7.98 -9.86
C ASP A 42 -20.65 8.60 -9.13
N ASN A 43 -20.23 8.00 -8.00
CA ASN A 43 -19.04 8.46 -7.26
C ASN A 43 -17.81 8.38 -8.18
N VAL A 44 -17.70 7.32 -9.02
CA VAL A 44 -16.56 7.16 -9.93
C VAL A 44 -16.51 8.34 -10.90
N ALA A 45 -17.67 8.72 -11.48
CA ALA A 45 -17.76 9.87 -12.39
C ALA A 45 -17.35 11.17 -11.66
N THR A 46 -17.79 11.33 -10.39
CA THR A 46 -17.46 12.51 -9.59
C THR A 46 -15.95 12.56 -9.38
N PHE A 47 -15.33 11.41 -9.00
CA PHE A 47 -13.88 11.38 -8.80
C PHE A 47 -13.11 11.64 -10.09
N GLN A 48 -13.60 11.14 -11.25
CA GLN A 48 -12.92 11.41 -12.54
C GLN A 48 -12.98 12.91 -12.88
N ALA A 49 -14.09 13.58 -12.56
CA ALA A 49 -14.25 15.03 -12.79
C ALA A 49 -13.31 15.83 -11.87
N LYS A 50 -13.20 15.41 -10.59
CA LYS A 50 -12.33 16.07 -9.60
C LYS A 50 -10.83 15.82 -9.87
N PHE A 51 -10.46 14.61 -10.33
CA PHE A 51 -9.05 14.23 -10.57
C PHE A 51 -8.88 13.73 -12.00
N PRO A 52 -9.04 14.64 -12.98
CA PRO A 52 -8.90 14.28 -14.36
C PRO A 52 -7.46 13.74 -14.52
N ASP A 53 -6.50 14.23 -13.76
CA ASP A 53 -5.06 13.81 -13.85
C ASP A 53 -4.89 12.33 -13.49
N ALA A 54 -5.71 11.79 -12.62
CA ALA A 54 -5.63 10.40 -12.11
C ALA A 54 -5.82 9.33 -13.21
N LYS A 55 -6.59 9.61 -14.25
CA LYS A 55 -6.88 8.55 -15.26
C LYS A 55 -7.57 7.37 -14.55
N LEU A 56 -8.55 7.71 -13.72
CA LEU A 56 -9.25 6.76 -12.86
C LEU A 56 -10.27 5.92 -13.63
N GLY A 57 -10.33 4.64 -13.28
CA GLY A 57 -11.35 3.72 -13.75
C GLY A 57 -11.75 2.79 -12.62
N ALA A 58 -12.93 2.22 -12.71
CA ALA A 58 -13.36 1.25 -11.69
C ALA A 58 -14.34 0.27 -12.27
N VAL A 59 -14.49 -0.88 -11.60
CA VAL A 59 -15.43 -1.90 -11.99
C VAL A 59 -16.13 -2.46 -10.77
N VAL A 60 -17.46 -2.65 -10.88
CA VAL A 60 -18.27 -3.33 -9.90
C VAL A 60 -18.69 -4.63 -10.58
N ALA A 61 -18.44 -5.77 -9.96
CA ALA A 61 -18.79 -7.07 -10.58
C ALA A 61 -19.38 -7.99 -9.53
N PHE A 62 -20.20 -8.95 -9.98
CA PHE A 62 -21.02 -9.76 -9.10
C PHE A 62 -20.81 -11.24 -9.27
N GLY A 63 -20.88 -11.96 -8.15
CA GLY A 63 -20.75 -13.40 -8.13
C GLY A 63 -21.99 -14.06 -8.70
N ASN A 64 -21.90 -15.34 -9.00
CA ASN A 64 -23.00 -16.07 -9.64
C ASN A 64 -24.35 -15.95 -8.93
N ASN A 65 -24.37 -16.23 -7.64
CA ASN A 65 -25.63 -16.25 -6.90
C ASN A 65 -26.34 -14.90 -6.90
N VAL A 66 -25.61 -13.82 -6.59
N VAL A 66 -25.59 -13.84 -6.61
CA VAL A 66 -26.21 -12.49 -6.57
CA VAL A 66 -26.14 -12.48 -6.60
C VAL A 66 -26.52 -11.97 -7.99
C VAL A 66 -26.54 -12.02 -8.00
N TRP A 67 -25.68 -12.26 -9.00
CA TRP A 67 -25.98 -11.81 -10.37
C TRP A 67 -27.19 -12.51 -10.95
N ARG A 68 -27.38 -13.81 -10.65
CA ARG A 68 -28.58 -14.51 -11.08
C ARG A 68 -29.80 -13.79 -10.50
N GLN A 69 -29.74 -13.36 -9.22
CA GLN A 69 -30.89 -12.65 -8.59
C GLN A 69 -31.12 -11.28 -9.22
N LEU A 70 -30.06 -10.47 -9.33
CA LEU A 70 -30.17 -9.12 -9.89
C LEU A 70 -30.58 -9.11 -11.37
N SER A 71 -30.16 -10.12 -12.15
CA SER A 71 -30.48 -10.20 -13.58
C SER A 71 -31.77 -10.99 -13.88
N GLY A 72 -32.35 -11.63 -12.86
CA GLY A 72 -33.52 -12.49 -13.06
C GLY A 72 -33.19 -13.74 -13.88
N GLY A 73 -31.90 -14.09 -13.95
CA GLY A 73 -31.40 -15.28 -14.65
C GLY A 73 -31.15 -15.07 -16.12
N GLU A 74 -31.28 -13.84 -16.60
CA GLU A 74 -31.13 -13.55 -18.04
C GLU A 74 -29.65 -13.23 -18.34
N GLY A 75 -29.05 -13.81 -19.38
CA GLY A 75 -27.68 -13.57 -19.78
C GLY A 75 -26.65 -14.18 -18.81
N ALA A 76 -25.42 -13.74 -18.97
CA ALA A 76 -24.28 -14.19 -18.18
C ALA A 76 -24.27 -15.74 -18.16
N ASP A 77 -24.51 -16.35 -19.33
CA ASP A 77 -24.68 -17.80 -19.43
C ASP A 77 -23.50 -18.63 -18.91
N GLU A 78 -22.27 -18.14 -19.05
CA GLU A 78 -21.10 -18.91 -18.57
C GLU A 78 -20.85 -18.73 -17.07
N LEU A 79 -21.47 -17.71 -16.42
CA LEU A 79 -21.19 -17.44 -15.01
C LEU A 79 -21.50 -18.65 -14.13
N LYS A 80 -20.62 -18.89 -13.17
CA LYS A 80 -20.77 -19.97 -12.20
C LYS A 80 -19.84 -19.66 -11.04
N ASP A 81 -20.04 -20.32 -9.91
CA ASP A 81 -19.11 -20.14 -8.79
C ASP A 81 -17.75 -20.65 -9.23
N PHE A 82 -16.67 -19.99 -8.79
CA PHE A 82 -15.31 -20.45 -9.14
C PHE A 82 -15.13 -21.86 -8.56
N PRO A 83 -14.88 -22.87 -9.38
CA PRO A 83 -14.65 -24.21 -8.83
C PRO A 83 -13.19 -24.35 -8.38
N VAL A 84 -12.86 -25.43 -7.66
CA VAL A 84 -11.44 -25.68 -7.38
C VAL A 84 -10.90 -26.25 -8.70
N TYR A 85 -9.61 -26.04 -8.95
CA TYR A 85 -8.94 -26.63 -10.10
C TYR A 85 -7.83 -27.49 -9.53
N GLY A 86 -7.43 -28.49 -10.29
CA GLY A 86 -6.41 -29.44 -9.86
C GLY A 86 -6.83 -30.16 -8.60
N LYS A 87 -8.13 -30.44 -8.46
CA LYS A 87 -8.73 -31.08 -7.27
C LYS A 87 -8.37 -30.36 -5.92
N GLY A 88 -8.11 -29.05 -5.97
CA GLY A 88 -7.74 -28.30 -4.77
C GLY A 88 -6.42 -27.54 -4.83
N LEU A 89 -5.57 -27.79 -5.83
CA LEU A 89 -4.31 -27.02 -5.99
C LEU A 89 -4.63 -25.55 -6.09
N ALA A 90 -5.73 -25.21 -6.82
CA ALA A 90 -6.21 -23.83 -6.93
C ALA A 90 -7.45 -23.78 -6.01
N PRO A 91 -7.34 -23.16 -4.83
CA PRO A 91 -8.51 -23.16 -3.92
C PRO A 91 -9.57 -22.23 -4.46
N SER A 92 -10.78 -22.32 -3.91
CA SER A 92 -11.89 -21.48 -4.32
C SER A 92 -12.38 -20.65 -3.15
N THR A 93 -12.52 -19.32 -3.35
CA THR A 93 -13.03 -18.43 -2.31
C THR A 93 -14.03 -17.50 -3.01
N GLN A 94 -15.11 -18.08 -3.54
CA GLN A 94 -16.08 -17.29 -4.28
C GLN A 94 -16.84 -16.36 -3.37
N TYR A 95 -16.84 -15.05 -3.68
CA TYR A 95 -17.61 -14.10 -2.88
C TYR A 95 -18.71 -13.50 -3.75
N ASP A 96 -19.50 -12.58 -3.20
CA ASP A 96 -20.62 -11.99 -3.95
C ASP A 96 -20.31 -10.75 -4.72
N LEU A 97 -19.33 -9.97 -4.27
CA LEU A 97 -19.06 -8.68 -4.88
C LEU A 97 -17.57 -8.46 -5.04
N LEU A 98 -17.19 -7.88 -6.18
CA LEU A 98 -15.82 -7.49 -6.46
C LEU A 98 -15.86 -6.01 -6.85
N ILE A 99 -14.99 -5.21 -6.24
N ILE A 99 -14.96 -5.24 -6.26
CA ILE A 99 -14.80 -3.80 -6.62
CA ILE A 99 -14.74 -3.81 -6.62
C ILE A 99 -13.33 -3.69 -7.04
C ILE A 99 -13.29 -3.71 -7.05
N HIS A 100 -13.06 -3.23 -8.26
CA HIS A 100 -11.70 -3.07 -8.77
C HIS A 100 -11.55 -1.60 -9.14
N ILE A 101 -10.60 -0.89 -8.51
CA ILE A 101 -10.33 0.52 -8.75
C ILE A 101 -8.90 0.62 -9.25
N LEU A 102 -8.65 1.33 -10.38
N LEU A 102 -8.63 1.36 -10.35
CA LEU A 102 -7.29 1.54 -10.88
CA LEU A 102 -7.26 1.54 -10.85
C LEU A 102 -7.09 2.96 -11.36
C LEU A 102 -7.08 2.94 -11.38
N SER A 103 -5.88 3.50 -11.21
CA SER A 103 -5.58 4.87 -11.66
C SER A 103 -4.06 5.09 -11.59
N ALA A 104 -3.64 6.31 -11.95
CA ALA A 104 -2.25 6.71 -11.82
C ALA A 104 -1.96 7.20 -10.40
N ARG A 105 -2.95 7.21 -9.47
CA ARG A 105 -2.71 7.76 -8.15
C ARG A 105 -3.34 6.90 -7.07
N HIS A 106 -2.49 6.21 -6.28
CA HIS A 106 -2.97 5.36 -5.18
C HIS A 106 -3.91 6.16 -4.22
N GLU A 107 -3.54 7.42 -3.88
CA GLU A 107 -4.35 8.25 -2.97
C GLU A 107 -5.78 8.49 -3.46
N VAL A 108 -5.96 8.62 -4.77
CA VAL A 108 -7.29 8.78 -5.37
C VAL A 108 -8.03 7.44 -5.26
N ASN A 109 -7.34 6.30 -5.54
CA ASN A 109 -7.94 4.99 -5.39
C ASN A 109 -8.44 4.81 -3.96
N PHE A 110 -7.66 5.26 -2.97
CA PHE A 110 -8.05 5.13 -1.56
C PHE A 110 -9.39 5.87 -1.29
N SER A 111 -9.52 7.11 -1.77
CA SER A 111 -10.78 7.87 -1.60
C SER A 111 -11.96 7.14 -2.26
N VAL A 112 -11.71 6.58 -3.47
CA VAL A 112 -12.74 5.85 -4.22
C VAL A 112 -13.12 4.58 -3.44
N ALA A 113 -12.12 3.87 -2.87
CA ALA A 113 -12.41 2.68 -2.05
C ALA A 113 -13.31 3.07 -0.85
N GLN A 114 -12.99 4.19 -0.19
CA GLN A 114 -13.81 4.66 0.95
C GLN A 114 -15.24 4.97 0.48
N ALA A 115 -15.40 5.57 -0.71
CA ALA A 115 -16.73 5.87 -1.26
C ALA A 115 -17.51 4.60 -1.57
N ALA A 116 -16.82 3.56 -2.07
CA ALA A 116 -17.43 2.25 -2.34
C ALA A 116 -17.96 1.68 -1.01
N LEU A 117 -17.13 1.70 0.05
CA LEU A 117 -17.58 1.17 1.34
C LEU A 117 -18.73 1.99 1.92
N ALA A 118 -18.72 3.33 1.73
CA ALA A 118 -19.83 4.16 2.23
C ALA A 118 -21.13 3.80 1.48
N ALA A 119 -21.02 3.55 0.16
CA ALA A 119 -22.19 3.26 -0.67
C ALA A 119 -22.82 1.93 -0.29
N PHE A 120 -22.00 0.85 -0.19
CA PHE A 120 -22.53 -0.47 0.15
C PHE A 120 -22.87 -0.63 1.63
N GLY A 121 -22.18 0.13 2.50
CA GLY A 121 -22.44 0.14 3.94
C GLY A 121 -22.40 -1.22 4.59
N ASP A 122 -23.27 -1.45 5.57
CA ASP A 122 -23.27 -2.71 6.29
C ASP A 122 -24.00 -3.83 5.54
N ALA A 123 -24.43 -3.62 4.27
CA ALA A 123 -25.00 -4.71 3.46
C ALA A 123 -23.89 -5.71 3.05
N ILE A 124 -22.58 -5.32 3.15
CA ILE A 124 -21.50 -6.24 2.76
C ILE A 124 -20.55 -6.55 3.89
N ASP A 125 -19.86 -7.69 3.77
CA ASP A 125 -18.85 -8.14 4.71
C ASP A 125 -17.57 -8.22 3.88
N VAL A 126 -16.62 -7.28 4.08
CA VAL A 126 -15.39 -7.27 3.27
C VAL A 126 -14.52 -8.45 3.67
N LYS A 127 -14.18 -9.31 2.70
CA LYS A 127 -13.36 -10.50 2.91
C LYS A 127 -11.90 -10.25 2.55
N GLU A 128 -11.66 -9.39 1.54
CA GLU A 128 -10.30 -9.05 1.11
C GLU A 128 -10.19 -7.61 0.63
N GLU A 129 -9.07 -6.99 0.95
CA GLU A 129 -8.76 -5.67 0.38
C GLU A 129 -7.28 -5.67 0.05
N ILE A 130 -6.92 -5.58 -1.24
CA ILE A 130 -5.53 -5.66 -1.70
C ILE A 130 -5.17 -4.39 -2.45
N HIS A 131 -4.01 -3.81 -2.12
CA HIS A 131 -3.50 -2.60 -2.76
C HIS A 131 -2.38 -3.01 -3.70
N GLY A 132 -2.65 -2.95 -4.99
CA GLY A 132 -1.67 -3.32 -6.01
C GLY A 132 -0.81 -2.13 -6.37
N PHE A 133 0.46 -2.39 -6.72
CA PHE A 133 1.37 -1.37 -7.20
C PHE A 133 2.23 -1.93 -8.35
N ARG A 134 2.50 -1.10 -9.37
CA ARG A 134 3.36 -1.51 -10.47
C ARG A 134 4.77 -1.45 -9.88
N TRP A 135 5.58 -2.48 -10.06
CA TRP A 135 6.95 -2.47 -9.51
C TRP A 135 7.93 -1.96 -10.58
N VAL A 136 9.21 -1.83 -10.22
CA VAL A 136 10.28 -1.33 -11.12
C VAL A 136 10.34 -2.13 -12.44
N GLU A 137 10.48 -1.40 -13.57
CA GLU A 137 10.55 -1.99 -14.92
C GLU A 137 9.36 -2.89 -15.24
N GLU A 138 8.17 -2.61 -14.64
CA GLU A 138 6.96 -3.40 -14.86
C GLU A 138 7.16 -4.90 -14.60
N ARG A 139 8.06 -5.23 -13.66
CA ARG A 139 8.36 -6.62 -13.35
C ARG A 139 7.48 -7.13 -12.26
N ASP A 140 7.18 -8.42 -12.32
CA ASP A 140 6.53 -9.13 -11.24
C ASP A 140 7.59 -9.14 -10.10
N LEU A 141 7.20 -9.39 -8.82
CA LEU A 141 8.18 -9.46 -7.73
C LEU A 141 9.22 -10.59 -7.93
N SER A 142 8.89 -11.61 -8.76
CA SER A 142 9.83 -12.68 -9.13
C SER A 142 11.00 -12.12 -9.95
N GLY A 143 10.87 -10.90 -10.51
CA GLY A 143 11.93 -10.27 -11.32
C GLY A 143 11.72 -10.45 -12.81
N PHE A 144 10.60 -11.09 -13.23
CA PHE A 144 10.26 -11.27 -14.65
C PHE A 144 9.34 -10.14 -15.09
N VAL A 145 9.53 -9.65 -16.29
CA VAL A 145 8.69 -8.56 -16.84
C VAL A 145 7.25 -9.10 -16.98
N ASP A 146 6.29 -8.28 -16.68
N ASP A 146 6.25 -8.27 -16.67
N ASP A 146 6.17 -8.54 -16.42
CA ASP A 146 4.89 -8.61 -16.87
CA ASP A 146 4.83 -8.67 -16.80
CA ASP A 146 4.84 -9.16 -16.75
C ASP A 146 4.33 -7.86 -18.05
C ASP A 146 4.14 -7.79 -17.86
C ASP A 146 3.93 -8.18 -17.56
N GLY A 147 3.39 -8.59 -18.76
CA GLY A 147 2.55 -7.73 -19.64
C GLY A 147 2.91 -7.79 -21.11
N THR A 148 4.02 -8.42 -21.44
CA THR A 148 4.52 -8.41 -22.81
C THR A 148 3.50 -8.90 -23.87
N GLU A 149 2.80 -10.01 -23.61
CA GLU A 149 1.82 -10.56 -24.55
C GLU A 149 0.38 -10.23 -24.13
N ASN A 150 0.19 -9.26 -23.26
CA ASN A 150 -1.13 -8.84 -22.86
C ASN A 150 -1.74 -8.01 -24.02
N PRO A 151 -3.00 -8.23 -24.42
CA PRO A 151 -3.60 -7.37 -25.47
C PRO A 151 -3.31 -5.89 -25.26
N ALA A 152 -2.87 -5.21 -26.32
CA ALA A 152 -2.45 -3.80 -26.28
C ALA A 152 -3.35 -2.91 -27.13
N GLY A 153 -3.65 -1.75 -26.56
CA GLY A 153 -4.45 -0.74 -27.25
C GLY A 153 -5.93 -1.01 -26.99
N GLU A 154 -6.73 0.02 -27.05
CA GLU A 154 -8.15 -0.08 -26.73
C GLU A 154 -8.85 -1.06 -27.68
N GLU A 155 -8.50 -1.04 -28.95
CA GLU A 155 -9.24 -1.81 -29.96
C GLU A 155 -9.17 -3.30 -29.69
N THR A 156 -7.96 -3.83 -29.49
CA THR A 156 -7.76 -5.26 -29.22
C THR A 156 -8.24 -5.62 -27.83
N ARG A 157 -8.01 -4.73 -26.84
CA ARG A 157 -8.47 -5.03 -25.48
C ARG A 157 -10.02 -5.17 -25.43
N ARG A 158 -10.73 -4.32 -26.17
CA ARG A 158 -12.19 -4.36 -26.28
C ARG A 158 -12.60 -5.67 -26.96
N GLU A 159 -11.92 -6.03 -28.07
CA GLU A 159 -12.19 -7.29 -28.79
C GLU A 159 -12.04 -8.50 -27.83
N VAL A 160 -11.01 -8.50 -26.97
CA VAL A 160 -10.77 -9.64 -26.10
C VAL A 160 -11.70 -9.64 -24.88
N ALA A 161 -11.87 -8.48 -24.23
CA ALA A 161 -12.55 -8.39 -22.93
C ALA A 161 -14.04 -8.08 -22.94
N VAL A 162 -14.53 -7.36 -23.94
CA VAL A 162 -15.89 -6.82 -23.90
C VAL A 162 -16.89 -7.60 -24.74
N ILE A 163 -18.02 -8.01 -24.13
CA ILE A 163 -19.08 -8.75 -24.84
C ILE A 163 -19.65 -7.82 -25.97
N LYS A 164 -19.79 -8.36 -27.18
N LYS A 164 -19.77 -8.30 -27.22
CA LYS A 164 -20.13 -7.59 -28.38
CA LYS A 164 -20.14 -7.42 -28.34
C LYS A 164 -21.60 -7.24 -28.54
C LYS A 164 -21.64 -7.21 -28.57
N ASP A 165 -22.49 -8.20 -28.29
CA ASP A 165 -23.94 -8.03 -28.52
C ASP A 165 -24.80 -8.79 -27.51
N GLY A 166 -26.10 -8.65 -27.65
CA GLY A 166 -27.05 -9.34 -26.78
C GLY A 166 -27.27 -8.58 -25.49
N VAL A 167 -27.92 -9.18 -24.51
CA VAL A 167 -28.27 -8.47 -23.26
C VAL A 167 -27.01 -8.06 -22.48
N ASP A 168 -25.92 -8.83 -22.60
CA ASP A 168 -24.67 -8.56 -21.88
C ASP A 168 -23.71 -7.64 -22.67
N ALA A 169 -24.11 -7.05 -23.82
CA ALA A 169 -23.19 -6.19 -24.61
C ALA A 169 -22.56 -5.11 -23.70
N GLY A 170 -21.25 -4.95 -23.77
CA GLY A 170 -20.53 -4.00 -22.92
C GLY A 170 -20.05 -4.58 -21.59
N GLY A 171 -20.49 -5.79 -21.25
CA GLY A 171 -20.07 -6.46 -20.02
C GLY A 171 -18.81 -7.28 -20.22
N SER A 172 -18.34 -7.89 -19.13
CA SER A 172 -17.14 -8.74 -19.17
C SER A 172 -17.15 -9.73 -18.00
N TYR A 173 -16.45 -10.84 -18.15
CA TYR A 173 -16.26 -11.82 -17.07
C TYR A 173 -14.97 -11.45 -16.41
N VAL A 174 -14.90 -11.56 -15.07
CA VAL A 174 -13.69 -11.21 -14.32
C VAL A 174 -13.24 -12.39 -13.52
N PHE A 175 -11.93 -12.60 -13.45
CA PHE A 175 -11.37 -13.65 -12.61
C PHE A 175 -10.31 -13.01 -11.70
N VAL A 176 -10.37 -13.25 -10.39
CA VAL A 176 -9.37 -12.72 -9.45
C VAL A 176 -8.79 -13.87 -8.65
N GLN A 177 -7.47 -13.84 -8.40
CA GLN A 177 -6.79 -14.91 -7.68
C GLN A 177 -5.51 -14.33 -7.08
N ARG A 178 -5.42 -14.33 -5.77
CA ARG A 178 -4.24 -13.77 -5.10
C ARG A 178 -3.20 -14.88 -4.93
N TRP A 179 -1.97 -14.61 -5.38
CA TRP A 179 -0.85 -15.54 -5.26
C TRP A 179 0.11 -15.06 -4.18
N GLU A 180 0.69 -15.99 -3.42
CA GLU A 180 1.68 -15.67 -2.40
C GLU A 180 3.01 -16.22 -2.85
N HIS A 181 3.94 -15.34 -3.20
CA HIS A 181 5.28 -15.73 -3.64
C HIS A 181 6.18 -16.08 -2.46
N ASN A 182 7.00 -17.13 -2.64
CA ASN A 182 8.05 -17.50 -1.71
C ASN A 182 9.34 -17.14 -2.46
N LEU A 183 9.83 -15.93 -2.26
CA LEU A 183 11.02 -15.42 -2.99
C LEU A 183 12.29 -16.15 -2.56
N LYS A 184 12.32 -16.62 -1.33
CA LYS A 184 13.46 -17.41 -0.84
C LYS A 184 13.59 -18.69 -1.66
N GLN A 185 12.47 -19.37 -1.89
CA GLN A 185 12.42 -20.60 -2.72
C GLN A 185 12.78 -20.25 -4.16
N LEU A 186 12.27 -19.14 -4.70
CA LEU A 186 12.63 -18.74 -6.06
C LEU A 186 14.13 -18.50 -6.19
N ASN A 187 14.72 -17.75 -5.23
CA ASN A 187 16.16 -17.42 -5.28
C ASN A 187 17.08 -18.64 -5.14
N ARG A 188 16.57 -19.80 -4.64
CA ARG A 188 17.34 -21.05 -4.60
C ARG A 188 17.48 -21.62 -6.04
N MET A 189 16.62 -21.18 -6.97
CA MET A 189 16.69 -21.65 -8.36
C MET A 189 17.71 -20.84 -9.14
N SER A 190 18.49 -21.49 -10.03
CA SER A 190 19.43 -20.75 -10.87
C SER A 190 18.60 -19.91 -11.86
N VAL A 191 19.15 -18.83 -12.43
CA VAL A 191 18.41 -18.00 -13.38
C VAL A 191 17.96 -18.84 -14.60
N PRO A 192 18.80 -19.70 -15.20
CA PRO A 192 18.32 -20.57 -16.29
C PRO A 192 17.13 -21.46 -15.90
N ASP A 193 17.10 -22.00 -14.66
CA ASP A 193 15.95 -22.82 -14.20
C ASP A 193 14.70 -21.95 -14.04
N GLN A 194 14.85 -20.71 -13.55
CA GLN A 194 13.70 -19.80 -13.43
C GLN A 194 13.17 -19.47 -14.83
N GLU A 195 14.08 -19.28 -15.80
CA GLU A 195 13.71 -18.97 -17.17
C GLU A 195 12.95 -20.12 -17.82
N MET A 196 13.35 -21.38 -17.55
CA MET A 196 12.62 -22.53 -18.10
C MET A 196 11.27 -22.69 -17.40
N MET A 197 11.16 -22.23 -16.13
CA MET A 197 9.91 -22.28 -15.37
C MET A 197 8.90 -21.30 -15.98
N ILE A 198 9.36 -20.10 -16.36
CA ILE A 198 8.49 -19.06 -16.94
C ILE A 198 8.27 -19.28 -18.42
N GLY A 199 9.35 -19.51 -19.16
CA GLY A 199 9.29 -19.64 -20.62
C GLY A 199 9.77 -18.38 -21.32
N ARG A 200 10.35 -17.41 -20.57
CA ARG A 200 10.93 -16.18 -21.12
C ARG A 200 12.27 -15.94 -20.41
N THR A 201 13.22 -15.23 -21.05
CA THR A 201 14.50 -14.96 -20.38
C THR A 201 14.23 -13.90 -19.31
N LYS A 202 15.01 -13.88 -18.24
CA LYS A 202 14.69 -13.01 -17.11
C LYS A 202 15.09 -11.56 -17.35
N ASP A 203 16.38 -11.30 -17.67
CA ASP A 203 16.81 -9.89 -17.84
C ASP A 203 16.26 -9.27 -19.13
N ALA A 204 16.54 -9.88 -20.28
CA ALA A 204 16.11 -9.37 -21.60
C ALA A 204 14.63 -9.61 -21.95
N ASN A 205 13.94 -10.51 -21.23
CA ASN A 205 12.51 -10.78 -21.48
C ASN A 205 12.22 -11.25 -22.96
N GLU A 206 13.03 -12.17 -23.45
CA GLU A 206 12.87 -12.77 -24.79
C GLU A 206 12.15 -14.11 -24.64
N GLU A 207 11.15 -14.40 -25.49
CA GLU A 207 10.45 -15.68 -25.39
C GLU A 207 11.39 -16.86 -25.70
N ILE A 208 11.35 -17.92 -24.88
CA ILE A 208 12.15 -19.12 -25.16
C ILE A 208 11.23 -19.90 -26.11
N ASP A 209 11.77 -20.43 -27.25
CA ASP A 209 10.93 -21.16 -28.21
C ASP A 209 10.12 -22.29 -27.55
N GLY A 210 8.86 -22.41 -27.95
CA GLY A 210 7.96 -23.45 -27.44
C GLY A 210 8.50 -24.87 -27.49
N ASP A 211 9.32 -25.24 -28.49
N ASP A 211 9.31 -25.23 -28.50
CA ASP A 211 9.92 -26.59 -28.57
CA ASP A 211 9.92 -26.58 -28.58
C ASP A 211 11.21 -26.72 -27.75
C ASP A 211 11.22 -26.72 -27.77
N GLU A 212 11.74 -25.61 -27.20
CA GLU A 212 12.97 -25.59 -26.41
C GLU A 212 12.70 -25.40 -24.92
N ARG A 213 11.44 -25.28 -24.48
CA ARG A 213 11.14 -25.07 -23.06
C ARG A 213 10.22 -26.20 -22.59
N PRO A 214 10.21 -26.51 -21.29
CA PRO A 214 9.32 -27.59 -20.83
C PRO A 214 7.85 -27.28 -21.05
N VAL A 215 7.05 -28.35 -21.25
CA VAL A 215 5.59 -28.18 -21.39
C VAL A 215 4.96 -27.64 -20.09
N THR A 216 5.65 -27.79 -18.93
CA THR A 216 5.20 -27.24 -17.63
C THR A 216 5.53 -25.73 -17.51
N SER A 217 6.32 -25.13 -18.45
CA SER A 217 6.65 -23.72 -18.34
C SER A 217 5.37 -22.90 -18.35
N HIS A 218 5.37 -21.76 -17.67
CA HIS A 218 4.16 -20.95 -17.60
C HIS A 218 3.60 -20.63 -18.99
N LEU A 219 4.44 -20.13 -19.92
CA LEU A 219 3.94 -19.81 -21.27
C LEU A 219 3.34 -21.05 -21.97
N SER A 220 3.98 -22.22 -21.81
CA SER A 220 3.41 -23.45 -22.41
C SER A 220 2.05 -23.80 -21.80
N ARG A 221 1.84 -23.50 -20.51
CA ARG A 221 0.56 -23.74 -19.87
C ARG A 221 -0.54 -22.78 -20.32
N VAL A 222 -0.22 -21.48 -20.54
CA VAL A 222 -1.28 -20.46 -20.73
C VAL A 222 -1.35 -19.84 -22.13
N ASP A 223 -0.34 -20.04 -23.01
CA ASP A 223 -0.41 -19.51 -24.37
C ASP A 223 -1.08 -20.63 -25.16
N LEU A 224 -2.41 -20.68 -25.10
CA LEU A 224 -3.21 -21.75 -25.70
C LEU A 224 -3.89 -21.28 -26.96
N LYS A 225 -3.97 -22.16 -27.96
CA LYS A 225 -4.63 -21.86 -29.23
C LYS A 225 -5.61 -22.98 -29.55
N GLU A 226 -6.69 -22.63 -30.25
CA GLU A 226 -7.68 -23.61 -30.70
C GLU A 226 -7.75 -23.43 -32.19
N ASP A 227 -7.09 -24.36 -32.90
CA ASP A 227 -6.88 -24.32 -34.34
C ASP A 227 -6.26 -22.94 -34.75
N GLY A 228 -5.19 -22.58 -34.06
CA GLY A 228 -4.46 -21.34 -34.35
C GLY A 228 -5.02 -20.05 -33.78
N LYS A 229 -6.23 -20.06 -33.17
CA LYS A 229 -6.81 -18.85 -32.57
C LYS A 229 -6.43 -18.82 -31.11
N GLY A 230 -5.68 -17.80 -30.66
CA GLY A 230 -5.29 -17.68 -29.26
C GLY A 230 -6.46 -17.45 -28.32
N LEU A 231 -6.46 -18.10 -27.15
CA LEU A 231 -7.49 -17.92 -26.13
C LEU A 231 -6.99 -16.74 -25.29
N LYS A 232 -7.20 -15.53 -25.80
CA LYS A 232 -6.69 -14.32 -25.15
C LYS A 232 -7.53 -13.85 -23.98
N ILE A 233 -6.88 -13.15 -23.05
CA ILE A 233 -7.50 -12.50 -21.89
C ILE A 233 -6.82 -11.15 -21.67
N VAL A 234 -7.50 -10.19 -21.01
CA VAL A 234 -6.90 -8.89 -20.68
C VAL A 234 -6.50 -8.94 -19.20
N ARG A 235 -5.19 -9.00 -18.90
CA ARG A 235 -4.75 -9.05 -17.52
C ARG A 235 -4.57 -7.65 -16.93
N GLN A 236 -4.99 -7.47 -15.67
CA GLN A 236 -4.85 -6.20 -14.92
C GLN A 236 -4.14 -6.47 -13.59
N SER A 237 -3.36 -7.57 -13.52
CA SER A 237 -2.68 -7.96 -12.28
C SER A 237 -1.65 -6.95 -11.83
N LEU A 238 -1.37 -6.94 -10.53
CA LEU A 238 -0.30 -6.12 -9.99
C LEU A 238 0.33 -6.79 -8.80
N PRO A 239 1.62 -6.55 -8.59
CA PRO A 239 2.26 -6.96 -7.33
C PRO A 239 1.55 -6.33 -6.10
N TYR A 240 1.71 -6.94 -4.93
CA TYR A 240 1.16 -6.41 -3.68
C TYR A 240 1.98 -6.95 -2.53
N GLY A 241 1.80 -6.37 -1.37
CA GLY A 241 2.32 -6.87 -0.11
C GLY A 241 3.38 -6.03 0.56
N THR A 242 3.98 -6.62 1.59
CA THR A 242 5.05 -6.00 2.38
C THR A 242 6.33 -6.77 2.08
N ALA A 243 7.48 -6.13 2.26
CA ALA A 243 8.77 -6.78 2.00
C ALA A 243 9.02 -7.87 3.04
N SER A 244 8.63 -7.63 4.30
CA SER A 244 8.86 -8.58 5.41
C SER A 244 7.73 -9.60 5.63
N GLY A 245 6.56 -9.36 5.06
CA GLY A 245 5.40 -10.25 5.23
C GLY A 245 4.97 -10.89 3.94
N THR A 246 3.66 -11.04 3.78
CA THR A 246 3.12 -11.71 2.59
C THR A 246 3.20 -10.78 1.39
N HIS A 247 3.64 -11.31 0.25
CA HIS A 247 3.71 -10.54 -0.99
C HIS A 247 3.57 -11.51 -2.16
N GLY A 248 3.25 -10.96 -3.31
CA GLY A 248 3.09 -11.79 -4.49
C GLY A 248 2.42 -11.01 -5.59
N LEU A 249 1.57 -11.70 -6.36
CA LEU A 249 0.82 -11.12 -7.48
C LEU A 249 -0.66 -11.23 -7.20
N TYR A 250 -1.39 -10.12 -7.38
CA TYR A 250 -2.84 -10.19 -7.28
C TYR A 250 -3.25 -10.37 -8.71
N PHE A 251 -3.56 -11.62 -9.11
CA PHE A 251 -3.92 -11.88 -10.50
C PHE A 251 -5.34 -11.42 -10.79
N CYS A 252 -5.54 -10.67 -11.87
CA CYS A 252 -6.86 -10.18 -12.25
C CYS A 252 -6.95 -10.27 -13.77
N ALA A 253 -8.02 -10.87 -14.31
CA ALA A 253 -8.17 -10.89 -15.76
C ALA A 253 -9.62 -10.70 -16.17
N TYR A 254 -9.82 -10.02 -17.33
CA TYR A 254 -11.12 -9.78 -17.93
C TYR A 254 -11.18 -10.49 -19.28
N CYS A 255 -12.33 -11.07 -19.60
CA CYS A 255 -12.52 -11.74 -20.91
C CYS A 255 -13.99 -11.70 -21.28
N ALA A 256 -14.28 -11.56 -22.60
CA ALA A 256 -15.66 -11.58 -23.09
C ALA A 256 -16.27 -12.98 -22.90
N ARG A 257 -15.42 -14.01 -22.79
N ARG A 257 -15.39 -14.02 -22.84
CA ARG A 257 -15.88 -15.37 -22.50
CA ARG A 257 -15.77 -15.42 -22.61
C ARG A 257 -15.12 -15.94 -21.33
C ARG A 257 -15.08 -15.93 -21.34
N LEU A 258 -15.84 -16.46 -20.35
CA LEU A 258 -15.18 -17.09 -19.19
C LEU A 258 -14.32 -18.32 -19.64
N TYR A 259 -14.75 -18.96 -20.76
CA TYR A 259 -14.07 -20.11 -21.36
C TYR A 259 -12.53 -19.94 -21.48
N ASN A 260 -12.05 -18.80 -22.03
CA ASN A 260 -10.61 -18.61 -22.22
C ASN A 260 -9.84 -18.70 -20.90
N ILE A 261 -10.39 -18.07 -19.86
CA ILE A 261 -9.76 -18.09 -18.55
C ILE A 261 -9.75 -19.51 -18.02
N GLU A 262 -10.92 -20.20 -18.08
CA GLU A 262 -11.03 -21.55 -17.55
C GLU A 262 -10.08 -22.52 -18.26
N GLN A 263 -9.92 -22.43 -19.59
CA GLN A 263 -8.98 -23.35 -20.27
C GLN A 263 -7.54 -23.15 -19.72
N GLN A 264 -7.15 -21.90 -19.43
CA GLN A 264 -5.81 -21.62 -18.90
C GLN A 264 -5.65 -22.22 -17.50
N LEU A 265 -6.70 -22.14 -16.67
CA LEU A 265 -6.65 -22.71 -15.32
C LEU A 265 -6.61 -24.22 -15.34
N LEU A 266 -7.44 -24.85 -16.19
CA LEU A 266 -7.42 -26.32 -16.34
C LEU A 266 -6.01 -26.80 -16.79
N SER A 267 -5.36 -26.00 -17.64
CA SER A 267 -3.99 -26.32 -18.08
C SER A 267 -2.99 -26.15 -16.93
N MET A 268 -2.98 -24.95 -16.31
CA MET A 268 -2.03 -24.66 -15.23
C MET A 268 -2.13 -25.64 -14.05
N PHE A 269 -3.34 -26.08 -13.69
CA PHE A 269 -3.50 -26.86 -12.47
C PHE A 269 -3.64 -28.39 -12.69
N GLY A 270 -3.19 -28.90 -13.84
CA GLY A 270 -3.15 -30.34 -14.08
C GLY A 270 -4.40 -31.03 -14.57
N ASP A 271 -5.51 -30.32 -14.74
CA ASP A 271 -6.75 -30.97 -15.18
C ASP A 271 -6.76 -31.38 -16.64
N THR A 272 -6.09 -30.65 -17.51
CA THR A 272 -6.12 -30.98 -18.95
C THR A 272 -5.24 -32.16 -19.31
N ASP A 273 -3.95 -32.10 -18.97
CA ASP A 273 -2.99 -33.13 -19.40
C ASP A 273 -2.19 -33.77 -18.27
N GLY A 274 -2.59 -33.57 -17.02
CA GLY A 274 -1.89 -34.13 -15.89
C GLY A 274 -0.62 -33.41 -15.47
N LYS A 275 -0.18 -32.41 -16.25
CA LYS A 275 1.04 -31.61 -15.92
C LYS A 275 0.61 -30.25 -15.34
N ARG A 276 1.38 -29.70 -14.40
CA ARG A 276 0.99 -28.43 -13.79
C ARG A 276 2.03 -27.36 -14.05
N ASP A 277 1.64 -26.13 -13.78
CA ASP A 277 2.52 -24.99 -14.00
C ASP A 277 3.77 -25.07 -13.11
N ALA A 278 4.95 -24.92 -13.71
CA ALA A 278 6.23 -24.93 -12.99
C ALA A 278 6.32 -23.80 -11.93
N MET A 279 5.54 -22.70 -12.07
CA MET A 279 5.58 -21.62 -11.06
C MET A 279 5.10 -22.07 -9.70
N LEU A 280 4.40 -23.19 -9.64
CA LEU A 280 3.94 -23.76 -8.34
C LEU A 280 5.16 -24.13 -7.47
N ARG A 281 6.39 -24.20 -8.04
N ARG A 281 6.35 -24.18 -8.06
CA ARG A 281 7.63 -24.46 -7.32
CA ARG A 281 7.58 -24.45 -7.28
C ARG A 281 8.02 -23.32 -6.36
C ARG A 281 7.83 -23.31 -6.27
N PHE A 282 7.42 -22.02 -6.70
CA PHE A 282 7.80 -20.97 -5.68
C PHE A 282 6.62 -20.06 -5.29
N THR A 283 5.44 -20.20 -5.92
CA THR A 283 4.30 -19.34 -5.58
C THR A 283 3.03 -20.17 -5.58
N LYS A 284 2.02 -19.74 -4.80
CA LYS A 284 0.77 -20.50 -4.76
C LYS A 284 -0.45 -19.58 -4.75
N PRO A 285 -1.58 -20.03 -5.33
CA PRO A 285 -2.81 -19.25 -5.24
C PRO A 285 -3.48 -19.53 -3.90
N VAL A 286 -4.04 -18.51 -3.27
CA VAL A 286 -4.71 -18.68 -1.97
C VAL A 286 -6.18 -18.21 -2.00
N THR A 287 -6.63 -17.55 -3.08
CA THR A 287 -8.04 -17.15 -3.25
C THR A 287 -8.40 -17.44 -4.70
N GLY A 288 -9.68 -17.40 -5.01
CA GLY A 288 -10.15 -17.61 -6.38
C GLY A 288 -11.63 -17.28 -6.50
N GLY A 289 -11.99 -16.46 -7.49
CA GLY A 289 -13.39 -16.13 -7.70
C GLY A 289 -13.67 -15.66 -9.12
N TYR A 290 -14.88 -15.95 -9.62
CA TYR A 290 -15.34 -15.47 -10.93
C TYR A 290 -16.44 -14.46 -10.68
N TYR A 291 -16.50 -13.41 -11.49
CA TYR A 291 -17.53 -12.38 -11.35
C TYR A 291 -17.97 -11.91 -12.73
N PHE A 292 -19.16 -11.31 -12.79
CA PHE A 292 -19.68 -10.74 -14.03
C PHE A 292 -19.74 -9.21 -13.83
N ALA A 293 -19.09 -8.48 -14.73
CA ALA A 293 -19.04 -7.02 -14.72
C ALA A 293 -20.06 -6.52 -15.75
N PRO A 294 -21.24 -6.04 -15.32
CA PRO A 294 -22.22 -5.58 -16.33
C PRO A 294 -21.75 -4.29 -17.00
N SER A 295 -22.40 -3.91 -18.11
CA SER A 295 -22.11 -2.63 -18.75
C SER A 295 -22.64 -1.53 -17.81
N LEU A 296 -22.15 -0.28 -17.98
CA LEU A 296 -22.57 0.87 -17.16
C LEU A 296 -24.08 1.09 -17.17
N GLU A 297 -24.73 0.97 -18.35
N GLU A 297 -24.71 1.14 -18.35
CA GLU A 297 -26.18 1.12 -18.48
CA GLU A 297 -26.15 1.39 -18.41
C GLU A 297 -26.96 0.07 -17.69
C GLU A 297 -26.97 0.35 -17.64
N ARG A 298 -26.43 -1.17 -17.60
N ARG A 298 -26.51 -0.93 -17.61
CA ARG A 298 -27.08 -2.23 -16.83
CA ARG A 298 -27.20 -1.97 -16.84
C ARG A 298 -26.98 -1.90 -15.34
C ARG A 298 -27.07 -1.73 -15.36
N ILE A 299 -25.90 -1.25 -14.89
CA ILE A 299 -25.72 -0.83 -13.50
C ILE A 299 -26.71 0.32 -13.24
N GLN A 300 -26.78 1.32 -14.16
N GLN A 300 -26.72 1.33 -14.14
CA GLN A 300 -27.73 2.44 -14.03
CA GLN A 300 -27.62 2.50 -14.01
C GLN A 300 -29.16 1.97 -13.98
C GLN A 300 -29.12 2.08 -14.10
N ALA A 301 -29.46 0.91 -14.71
CA ALA A 301 -30.81 0.33 -14.76
C ALA A 301 -31.11 -0.63 -13.57
N LEU A 302 -30.22 -0.72 -12.54
CA LEU A 302 -30.50 -1.55 -11.37
C LEU A 302 -31.52 -0.79 -10.57
N GLY A 303 -32.63 -1.42 -10.33
CA GLY A 303 -33.72 -0.80 -9.59
C GLY A 303 -34.83 -1.79 -9.68
N GLN B 6 26.83 14.32 5.63
CA GLN B 6 26.98 13.74 6.96
C GLN B 6 25.64 13.28 7.54
N VAL B 7 24.53 14.04 7.37
CA VAL B 7 23.22 13.58 7.90
C VAL B 7 22.72 12.38 7.07
N GLN B 8 22.05 11.41 7.69
CA GLN B 8 21.44 10.32 6.90
C GLN B 8 20.41 10.94 5.95
N SER B 9 20.35 10.40 4.72
CA SER B 9 19.55 10.99 3.65
C SER B 9 18.02 11.09 3.87
N GLY B 10 17.44 10.32 4.80
CA GLY B 10 15.99 10.35 4.98
C GLY B 10 15.43 11.37 5.93
N ILE B 11 16.29 12.13 6.65
CA ILE B 11 15.77 13.08 7.64
C ILE B 11 15.18 14.35 6.99
N LEU B 12 15.96 15.01 6.15
CA LEU B 12 15.60 16.34 5.65
C LEU B 12 14.69 16.45 4.42
N PRO B 13 14.59 15.47 3.50
CA PRO B 13 13.73 15.68 2.31
C PRO B 13 12.28 16.01 2.66
N GLU B 14 11.71 16.93 1.89
CA GLU B 14 10.33 17.38 2.07
C GLU B 14 9.39 16.82 1.02
N HIS B 15 8.11 16.80 1.39
CA HIS B 15 6.98 16.42 0.52
C HIS B 15 7.07 15.01 -0.08
N CYS B 16 7.62 14.02 0.68
CA CYS B 16 7.71 12.65 0.17
C CYS B 16 6.27 12.16 -0.15
N ARG B 17 6.13 11.32 -1.18
CA ARG B 17 4.80 10.81 -1.57
C ARG B 17 4.52 9.48 -0.91
N ALA B 18 5.58 8.76 -0.52
CA ALA B 18 5.45 7.42 0.02
C ALA B 18 6.60 7.11 0.96
N ALA B 19 6.36 6.23 1.92
CA ALA B 19 7.40 5.79 2.86
C ALA B 19 7.13 4.38 3.31
N ILE B 20 8.19 3.75 3.82
CA ILE B 20 8.10 2.44 4.44
C ILE B 20 8.84 2.58 5.76
N TRP B 21 8.19 2.15 6.85
CA TRP B 21 8.83 2.11 8.17
C TRP B 21 8.91 0.66 8.58
N ILE B 22 10.09 0.20 9.01
CA ILE B 22 10.27 -1.15 9.50
C ILE B 22 10.79 -1.02 10.93
N GLU B 23 10.11 -1.65 11.88
CA GLU B 23 10.55 -1.68 13.27
C GLU B 23 10.89 -3.11 13.61
N ALA B 24 12.06 -3.35 14.22
CA ALA B 24 12.51 -4.72 14.49
C ALA B 24 13.33 -4.83 15.76
N ASN B 25 13.39 -6.06 16.29
CA ASN B 25 14.23 -6.39 17.45
C ASN B 25 15.45 -7.13 16.97
N LEU B 26 16.52 -7.01 17.73
CA LEU B 26 17.77 -7.69 17.44
C LEU B 26 17.61 -9.10 18.03
N LYS B 27 17.73 -10.12 17.22
CA LYS B 27 17.72 -11.54 17.69
C LYS B 27 19.15 -11.99 17.99
N GLY B 28 20.05 -11.59 17.11
CA GLY B 28 21.45 -12.00 17.16
C GLY B 28 22.32 -11.10 18.02
N ASP B 29 23.60 -11.23 17.75
CA ASP B 29 24.68 -10.43 18.33
C ASP B 29 24.48 -9.01 17.82
N VAL B 30 24.70 -8.01 18.66
CA VAL B 30 24.55 -6.58 18.28
C VAL B 30 25.61 -6.24 17.22
N ASN B 31 26.77 -6.91 17.24
CA ASN B 31 27.81 -6.67 16.23
C ASN B 31 27.24 -6.93 14.82
N ALA B 32 26.23 -7.83 14.59
CA ALA B 32 25.60 -8.05 13.28
C ALA B 32 25.03 -6.75 12.69
N LEU B 33 24.63 -5.79 13.55
CA LEU B 33 24.08 -4.51 13.07
C LEU B 33 25.13 -3.60 12.46
N ARG B 34 26.38 -3.75 12.81
CA ARG B 34 27.43 -2.84 12.27
C ARG B 34 27.65 -3.07 10.76
N GLU B 35 27.88 -4.31 10.34
N GLU B 35 27.89 -4.31 10.34
CA GLU B 35 28.11 -4.57 8.90
CA GLU B 35 28.12 -4.57 8.89
C GLU B 35 26.83 -4.31 8.09
C GLU B 35 26.84 -4.31 8.08
N ALA B 36 25.70 -4.73 8.63
CA ALA B 36 24.38 -4.59 7.98
C ALA B 36 24.07 -3.11 7.72
N SER B 37 24.33 -2.26 8.71
CA SER B 37 24.03 -0.83 8.57
C SER B 37 24.90 -0.20 7.46
N LYS B 38 26.20 -0.59 7.36
CA LYS B 38 27.10 -0.06 6.31
C LYS B 38 26.64 -0.53 4.93
N ILE B 39 26.25 -1.80 4.84
CA ILE B 39 25.71 -2.35 3.58
C ILE B 39 24.46 -1.58 3.15
N PHE B 40 23.53 -1.39 4.09
CA PHE B 40 22.29 -0.69 3.78
C PHE B 40 22.51 0.75 3.31
N VAL B 41 23.35 1.56 4.00
CA VAL B 41 23.55 2.93 3.54
C VAL B 41 24.20 2.97 2.15
N ASP B 42 25.05 1.98 1.81
CA ASP B 42 25.63 1.86 0.47
C ASP B 42 24.51 1.54 -0.54
N ASN B 43 23.58 0.61 -0.17
CA ASN B 43 22.43 0.28 -1.04
C ASN B 43 21.61 1.54 -1.32
N VAL B 44 21.43 2.42 -0.31
CA VAL B 44 20.65 3.64 -0.46
C VAL B 44 21.29 4.53 -1.52
N ALA B 45 22.63 4.71 -1.45
CA ALA B 45 23.38 5.49 -2.46
C ALA B 45 23.20 4.88 -3.87
N THR B 46 23.24 3.55 -3.98
CA THR B 46 23.06 2.86 -5.25
C THR B 46 21.67 3.15 -5.79
N PHE B 47 20.62 3.02 -4.93
CA PHE B 47 19.26 3.29 -5.37
C PHE B 47 19.07 4.77 -5.77
N GLN B 48 19.71 5.71 -5.07
CA GLN B 48 19.59 7.14 -5.43
C GLN B 48 20.22 7.42 -6.80
N ALA B 49 21.33 6.73 -7.11
CA ALA B 49 22.00 6.87 -8.41
C ALA B 49 21.12 6.27 -9.53
N LYS B 50 20.49 5.12 -9.27
CA LYS B 50 19.61 4.45 -10.23
C LYS B 50 18.28 5.20 -10.45
N PHE B 51 17.70 5.80 -9.38
CA PHE B 51 16.39 6.49 -9.45
C PHE B 51 16.53 7.92 -8.92
N PRO B 52 17.27 8.78 -9.63
CA PRO B 52 17.43 10.16 -9.17
C PRO B 52 16.12 10.95 -9.06
N ASP B 53 15.15 10.63 -9.93
CA ASP B 53 13.79 11.24 -9.91
C ASP B 53 13.00 10.90 -8.63
N ALA B 54 13.35 9.84 -7.93
CA ALA B 54 12.59 9.43 -6.73
C ALA B 54 12.81 10.41 -5.56
N LYS B 55 13.98 11.05 -5.50
N LYS B 55 13.98 11.05 -5.50
CA LYS B 55 14.37 11.91 -4.33
CA LYS B 55 14.37 11.91 -4.35
C LYS B 55 14.36 11.03 -3.06
C LYS B 55 14.37 11.03 -3.07
N LEU B 56 14.93 9.84 -3.23
CA LEU B 56 14.95 8.80 -2.17
C LEU B 56 15.86 9.19 -1.03
N GLY B 57 15.38 8.88 0.15
CA GLY B 57 16.18 9.04 1.36
C GLY B 57 15.87 7.90 2.30
N ALA B 58 16.75 7.62 3.23
CA ALA B 58 16.47 6.59 4.22
C ALA B 58 17.22 6.87 5.50
N VAL B 59 16.74 6.27 6.58
CA VAL B 59 17.38 6.39 7.89
C VAL B 59 17.40 5.05 8.59
N VAL B 60 18.54 4.71 9.23
N VAL B 60 18.52 4.71 9.23
CA VAL B 60 18.69 3.55 10.12
CA VAL B 60 18.66 3.55 10.10
C VAL B 60 18.86 4.17 11.51
C VAL B 60 18.88 4.14 11.50
N ALA B 61 18.03 3.79 12.46
CA ALA B 61 18.11 4.35 13.83
C ALA B 61 17.97 3.25 14.84
N PHE B 62 18.52 3.47 16.04
CA PHE B 62 18.69 2.43 17.04
C PHE B 62 18.07 2.77 18.37
N GLY B 63 17.52 1.74 19.02
CA GLY B 63 16.90 1.87 20.33
C GLY B 63 17.96 2.05 21.39
N ASN B 64 17.55 2.46 22.58
CA ASN B 64 18.49 2.76 23.67
C ASN B 64 19.50 1.66 23.98
N ASN B 65 19.04 0.46 24.30
CA ASN B 65 19.97 -0.63 24.69
C ASN B 65 20.99 -0.94 23.63
N VAL B 66 20.54 -1.07 22.38
N VAL B 66 20.56 -1.11 22.36
CA VAL B 66 21.43 -1.38 21.26
CA VAL B 66 21.53 -1.42 21.28
C VAL B 66 22.38 -0.21 20.98
C VAL B 66 22.42 -0.22 20.95
N TRP B 67 21.88 1.03 21.01
CA TRP B 67 22.73 2.20 20.72
C TRP B 67 23.80 2.38 21.80
N ARG B 68 23.45 2.15 23.08
CA ARG B 68 24.43 2.22 24.16
C ARG B 68 25.56 1.24 23.87
N GLN B 69 25.24 0.01 23.39
CA GLN B 69 26.28 -0.97 23.06
C GLN B 69 27.13 -0.53 21.87
N LEU B 70 26.48 -0.17 20.75
CA LEU B 70 27.19 0.28 19.54
C LEU B 70 28.07 1.52 19.76
N SER B 71 27.62 2.46 20.61
CA SER B 71 28.35 3.70 20.86
C SER B 71 29.33 3.61 22.03
N GLY B 72 29.32 2.50 22.78
CA GLY B 72 30.12 2.37 23.98
C GLY B 72 29.70 3.32 25.10
N GLY B 73 28.42 3.74 25.09
CA GLY B 73 27.88 4.67 26.08
C GLY B 73 28.23 6.13 25.85
N GLU B 74 28.90 6.47 24.72
CA GLU B 74 29.28 7.85 24.44
C GLU B 74 28.16 8.57 23.67
N GLY B 75 27.84 9.79 24.08
CA GLY B 75 26.81 10.60 23.43
C GLY B 75 25.40 10.08 23.58
N ALA B 76 24.47 10.61 22.77
CA ALA B 76 23.05 10.27 22.75
C ALA B 76 22.52 10.37 24.20
N ASP B 77 22.90 11.45 24.90
CA ASP B 77 22.58 11.59 26.33
C ASP B 77 21.10 11.54 26.67
N GLU B 78 20.22 12.05 25.80
CA GLU B 78 18.78 12.02 26.08
C GLU B 78 18.12 10.68 25.75
N LEU B 79 18.80 9.78 24.98
CA LEU B 79 18.18 8.52 24.57
C LEU B 79 17.75 7.69 25.77
N LYS B 80 16.57 7.15 25.66
CA LYS B 80 16.02 6.23 26.67
C LYS B 80 14.95 5.37 26.00
N ASP B 81 14.53 4.31 26.66
CA ASP B 81 13.39 3.54 26.14
C ASP B 81 12.16 4.47 26.14
N PHE B 82 11.31 4.33 25.14
CA PHE B 82 10.08 5.12 25.08
C PHE B 82 9.25 4.73 26.31
N PRO B 83 8.91 5.66 27.21
CA PRO B 83 8.05 5.32 28.34
C PRO B 83 6.59 5.38 27.94
N VAL B 84 5.67 4.91 28.80
CA VAL B 84 4.26 5.15 28.53
C VAL B 84 4.03 6.62 28.91
N TYR B 85 3.06 7.27 28.31
CA TYR B 85 2.65 8.64 28.67
C TYR B 85 1.19 8.53 29.07
N GLY B 86 0.73 9.48 29.88
CA GLY B 86 -0.62 9.49 30.43
C GLY B 86 -0.91 8.22 31.20
N LYS B 87 0.12 7.68 31.91
CA LYS B 87 0.04 6.42 32.68
C LYS B 87 -0.47 5.21 31.83
N GLY B 88 -0.28 5.22 30.51
CA GLY B 88 -0.76 4.15 29.64
C GLY B 88 -1.64 4.57 28.48
N LEU B 89 -2.16 5.83 28.46
CA LEU B 89 -2.94 6.32 27.30
C LEU B 89 -2.12 6.17 26.04
N ALA B 90 -0.80 6.49 26.12
CA ALA B 90 0.13 6.32 25.01
C ALA B 90 0.92 5.04 25.34
N PRO B 91 0.64 3.91 24.67
CA PRO B 91 1.37 2.68 25.02
C PRO B 91 2.81 2.74 24.54
N SER B 92 3.65 1.82 25.01
CA SER B 92 5.06 1.77 24.63
C SER B 92 5.37 0.44 23.96
N THR B 93 6.04 0.48 22.78
CA THR B 93 6.45 -0.74 22.07
C THR B 93 7.88 -0.49 21.58
N GLN B 94 8.82 -0.30 22.52
CA GLN B 94 10.19 0.03 22.16
C GLN B 94 10.87 -1.15 21.51
N TYR B 95 11.42 -0.96 20.29
CA TYR B 95 12.18 -2.03 19.62
C TYR B 95 13.65 -1.61 19.49
N ASP B 96 14.48 -2.43 18.86
CA ASP B 96 15.90 -2.13 18.73
C ASP B 96 16.30 -1.39 17.49
N LEU B 97 15.55 -1.54 16.40
CA LEU B 97 15.96 -0.97 15.12
C LEU B 97 14.78 -0.36 14.43
N LEU B 98 14.99 0.80 13.82
CA LEU B 98 14.00 1.46 12.97
C LEU B 98 14.65 1.73 11.62
N ILE B 99 13.97 1.36 10.52
CA ILE B 99 14.41 1.69 9.16
C ILE B 99 13.27 2.54 8.58
N HIS B 100 13.59 3.74 8.12
CA HIS B 100 12.61 4.65 7.54
C HIS B 100 13.10 4.95 6.14
N ILE B 101 12.28 4.60 5.16
CA ILE B 101 12.55 4.79 3.72
C ILE B 101 11.48 5.73 3.15
N LEU B 102 11.91 6.84 2.50
N LEU B 102 11.88 6.84 2.53
CA LEU B 102 10.92 7.75 1.92
CA LEU B 102 10.87 7.74 1.95
C LEU B 102 11.37 8.21 0.57
C LEU B 102 11.34 8.22 0.59
N SER B 103 10.38 8.44 -0.32
CA SER B 103 10.72 8.89 -1.69
C SER B 103 9.40 9.33 -2.37
N ALA B 104 9.50 9.67 -3.65
CA ALA B 104 8.31 10.03 -4.43
C ALA B 104 7.68 8.77 -5.01
N ARG B 105 8.34 7.59 -4.88
CA ARG B 105 7.90 6.39 -5.58
C ARG B 105 7.83 5.18 -4.66
N HIS B 106 6.62 4.73 -4.32
CA HIS B 106 6.43 3.56 -3.47
C HIS B 106 7.23 2.33 -4.00
N GLU B 107 7.22 2.07 -5.31
CA GLU B 107 7.93 0.91 -5.90
C GLU B 107 9.43 0.91 -5.64
N VAL B 108 10.04 2.11 -5.60
CA VAL B 108 11.45 2.25 -5.28
C VAL B 108 11.65 1.96 -3.78
N ASN B 109 10.75 2.48 -2.93
CA ASN B 109 10.82 2.22 -1.49
C ASN B 109 10.74 0.71 -1.23
N PHE B 110 9.88 0.01 -1.98
CA PHE B 110 9.75 -1.44 -1.81
C PHE B 110 11.10 -2.16 -2.10
N SER B 111 11.79 -1.81 -3.19
CA SER B 111 13.09 -2.41 -3.52
C SER B 111 14.12 -2.12 -2.39
N VAL B 112 14.09 -0.88 -1.88
CA VAL B 112 15.00 -0.46 -0.80
C VAL B 112 14.67 -1.25 0.47
N ALA B 113 13.36 -1.44 0.79
CA ALA B 113 12.98 -2.23 1.97
C ALA B 113 13.52 -3.67 1.83
N GLN B 114 13.41 -4.26 0.63
CA GLN B 114 13.94 -5.62 0.40
C GLN B 114 15.46 -5.66 0.61
N ALA B 115 16.17 -4.60 0.16
CA ALA B 115 17.63 -4.51 0.35
C ALA B 115 17.98 -4.39 1.83
N ALA B 116 17.18 -3.65 2.61
CA ALA B 116 17.38 -3.52 4.06
C ALA B 116 17.24 -4.90 4.71
N LEU B 117 16.18 -5.64 4.37
CA LEU B 117 15.98 -6.97 4.95
C LEU B 117 17.10 -7.93 4.53
N ALA B 118 17.61 -7.82 3.28
CA ALA B 118 18.72 -8.70 2.85
C ALA B 118 19.99 -8.36 3.64
N ALA B 119 20.22 -7.06 3.91
CA ALA B 119 21.42 -6.63 4.63
C ALA B 119 21.40 -7.10 6.09
N PHE B 120 20.30 -6.89 6.82
CA PHE B 120 20.20 -7.29 8.23
C PHE B 120 19.98 -8.79 8.41
N GLY B 121 19.35 -9.44 7.42
CA GLY B 121 19.13 -10.89 7.42
C GLY B 121 18.41 -11.39 8.65
N ASP B 122 18.77 -12.60 9.12
CA ASP B 122 18.11 -13.19 10.27
C ASP B 122 18.64 -12.65 11.61
N ALA B 123 19.50 -11.60 11.62
CA ALA B 123 19.91 -10.93 12.86
C ALA B 123 18.72 -10.14 13.46
N ILE B 124 17.66 -9.84 12.66
CA ILE B 124 16.52 -9.07 13.19
C ILE B 124 15.19 -9.81 13.11
N ASP B 125 14.26 -9.42 13.97
CA ASP B 125 12.90 -9.95 14.02
C ASP B 125 11.99 -8.77 13.71
N VAL B 126 11.41 -8.71 12.49
CA VAL B 126 10.58 -7.57 12.11
C VAL B 126 9.27 -7.59 12.92
N LYS B 127 9.01 -6.52 13.67
CA LYS B 127 7.81 -6.39 14.50
C LYS B 127 6.71 -5.62 13.80
N GLU B 128 7.05 -4.60 12.99
CA GLU B 128 6.07 -3.78 12.30
C GLU B 128 6.62 -3.41 10.92
N GLU B 129 5.78 -3.38 9.88
CA GLU B 129 6.14 -2.82 8.57
C GLU B 129 4.93 -2.05 8.09
N ILE B 130 5.07 -0.72 7.95
CA ILE B 130 3.97 0.16 7.58
C ILE B 130 4.31 0.89 6.28
N HIS B 131 3.37 0.92 5.34
CA HIS B 131 3.53 1.59 4.06
C HIS B 131 2.72 2.87 4.10
N GLY B 132 3.41 4.00 4.18
CA GLY B 132 2.77 5.31 4.22
C GLY B 132 2.55 5.84 2.83
N PHE B 133 1.46 6.60 2.64
CA PHE B 133 1.17 7.26 1.38
C PHE B 133 0.62 8.67 1.65
N ARG B 134 1.06 9.65 0.85
CA ARG B 134 0.51 11.00 0.96
C ARG B 134 -0.91 10.91 0.34
N TRP B 135 -1.91 11.40 1.03
CA TRP B 135 -3.30 11.33 0.54
C TRP B 135 -3.63 12.60 -0.27
N VAL B 136 -4.84 12.65 -0.83
N VAL B 136 -4.83 12.65 -0.88
CA VAL B 136 -5.36 13.75 -1.65
CA VAL B 136 -5.28 13.77 -1.71
C VAL B 136 -5.20 15.12 -0.89
C VAL B 136 -5.20 15.11 -0.93
N GLU B 137 -4.67 16.15 -1.59
CA GLU B 137 -4.48 17.50 -1.03
C GLU B 137 -3.58 17.53 0.23
N GLU B 138 -2.75 16.49 0.38
CA GLU B 138 -1.79 16.35 1.48
C GLU B 138 -2.54 16.40 2.82
N ARG B 139 -3.75 15.84 2.85
CA ARG B 139 -4.57 15.79 4.05
C ARG B 139 -4.35 14.51 4.82
N ASP B 140 -4.52 14.59 6.12
CA ASP B 140 -4.57 13.42 6.99
C ASP B 140 -5.89 12.70 6.58
N LEU B 141 -6.07 11.40 6.91
CA LEU B 141 -7.33 10.71 6.59
C LEU B 141 -8.55 11.33 7.30
N SER B 142 -8.32 12.08 8.40
CA SER B 142 -9.38 12.84 9.07
C SER B 142 -9.93 13.97 8.16
N GLY B 143 -9.21 14.35 7.09
CA GLY B 143 -9.64 15.39 6.16
C GLY B 143 -9.00 16.74 6.43
N PHE B 144 -8.10 16.81 7.45
CA PHE B 144 -7.38 18.04 7.78
C PHE B 144 -6.03 18.05 7.07
N VAL B 145 -5.61 19.20 6.57
CA VAL B 145 -4.30 19.30 5.90
C VAL B 145 -3.20 19.03 6.95
N ASP B 146 -2.16 18.31 6.51
N ASP B 146 -2.19 18.30 6.43
N ASP B 146 -2.20 18.14 6.75
CA ASP B 146 -1.01 18.03 7.39
CA ASP B 146 -0.99 17.96 7.17
CA ASP B 146 -1.14 18.04 7.82
C ASP B 146 0.23 18.76 6.86
C ASP B 146 0.10 18.98 6.84
C ASP B 146 0.26 18.30 7.18
N GLY B 147 1.05 19.21 7.80
CA GLY B 147 2.36 19.79 7.49
C GLY B 147 2.47 21.30 7.43
N THR B 148 1.37 22.05 7.58
CA THR B 148 1.43 23.50 7.43
C THR B 148 2.50 24.20 8.28
N GLU B 149 2.63 23.84 9.56
CA GLU B 149 3.62 24.47 10.45
C GLU B 149 4.86 23.59 10.63
N ASN B 150 5.05 22.62 9.74
CA ASN B 150 6.23 21.78 9.81
C ASN B 150 7.42 22.63 9.28
N PRO B 151 8.60 22.61 9.95
CA PRO B 151 9.75 23.37 9.42
C PRO B 151 9.95 23.15 7.91
N ALA B 152 10.18 24.25 7.18
CA ALA B 152 10.29 24.25 5.71
C ALA B 152 11.68 24.69 5.24
N GLY B 153 12.18 24.01 4.20
CA GLY B 153 13.49 24.30 3.62
C GLY B 153 14.60 23.60 4.37
N GLU B 154 15.69 23.26 3.68
CA GLU B 154 16.80 22.53 4.29
C GLU B 154 17.39 23.26 5.51
N GLU B 155 17.55 24.58 5.43
CA GLU B 155 18.19 25.36 6.49
C GLU B 155 17.48 25.19 7.83
N THR B 156 16.17 25.46 7.87
CA THR B 156 15.40 25.37 9.11
C THR B 156 15.23 23.93 9.54
N ARG B 157 15.02 23.02 8.60
CA ARG B 157 14.86 21.61 8.97
C ARG B 157 16.13 21.06 9.64
N ARG B 158 17.30 21.46 9.14
CA ARG B 158 18.59 21.08 9.71
C ARG B 158 18.72 21.69 11.12
N GLU B 159 18.37 22.97 11.26
CA GLU B 159 18.41 23.65 12.56
C GLU B 159 17.52 22.91 13.59
N VAL B 160 16.35 22.44 13.19
CA VAL B 160 15.45 21.79 14.12
C VAL B 160 15.84 20.33 14.40
N ALA B 161 16.18 19.58 13.34
CA ALA B 161 16.37 18.13 13.43
C ALA B 161 17.76 17.62 13.67
N VAL B 162 18.80 18.33 13.21
CA VAL B 162 20.16 17.80 13.18
C VAL B 162 21.05 18.32 14.30
N ILE B 163 21.69 17.40 15.05
CA ILE B 163 22.61 17.78 16.14
C ILE B 163 23.80 18.57 15.53
N LYS B 164 24.14 19.74 16.13
CA LYS B 164 25.13 20.69 15.59
C LYS B 164 26.60 20.37 15.80
N ASP B 165 26.95 19.87 16.99
N ASP B 165 26.95 19.88 17.00
CA ASP B 165 28.34 19.62 17.35
CA ASP B 165 28.35 19.62 17.36
C ASP B 165 28.52 18.43 18.31
C ASP B 165 28.52 18.44 18.32
N GLY B 166 29.77 18.09 18.57
CA GLY B 166 30.13 16.99 19.47
C GLY B 166 30.12 15.65 18.76
N VAL B 167 30.25 14.59 19.56
CA VAL B 167 30.32 13.24 19.01
C VAL B 167 29.07 12.89 18.15
N ASP B 168 27.88 13.41 18.49
CA ASP B 168 26.63 13.14 17.75
C ASP B 168 26.33 14.11 16.60
N ALA B 169 27.27 15.04 16.23
CA ALA B 169 27.02 16.00 15.14
C ALA B 169 26.52 15.28 13.89
N GLY B 170 25.45 15.76 13.29
CA GLY B 170 24.86 15.12 12.11
C GLY B 170 23.80 14.08 12.43
N GLY B 171 23.65 13.70 13.69
CA GLY B 171 22.64 12.75 14.12
C GLY B 171 21.31 13.41 14.47
N SER B 172 20.32 12.59 14.83
CA SER B 172 19.00 13.10 15.20
C SER B 172 18.27 12.06 16.07
N TYR B 173 17.31 12.52 16.89
CA TYR B 173 16.47 11.64 17.68
C TYR B 173 15.22 11.41 16.87
N VAL B 174 14.69 10.17 16.88
CA VAL B 174 13.49 9.84 16.10
C VAL B 174 12.42 9.33 17.02
N PHE B 175 11.17 9.67 16.75
CA PHE B 175 10.04 9.16 17.50
C PHE B 175 9.03 8.62 16.49
N VAL B 176 8.56 7.38 16.69
CA VAL B 176 7.55 6.78 15.80
C VAL B 176 6.37 6.30 16.64
N GLN B 177 5.14 6.50 16.16
CA GLN B 177 3.94 6.13 16.89
C GLN B 177 2.82 5.95 15.89
N ARG B 178 2.27 4.74 15.79
CA ARG B 178 1.19 4.46 14.84
C ARG B 178 -0.15 4.75 15.52
N TRP B 179 -0.99 5.56 14.86
CA TRP B 179 -2.34 5.89 15.33
C TRP B 179 -3.38 5.15 14.51
N GLU B 180 -4.46 4.72 15.16
CA GLU B 180 -5.57 4.06 14.46
C GLU B 180 -6.77 4.98 14.55
N HIS B 181 -7.18 5.53 13.40
CA HIS B 181 -8.34 6.43 13.32
C HIS B 181 -9.65 5.65 13.29
N ASN B 182 -10.66 6.18 14.00
CA ASN B 182 -12.03 5.70 13.93
C ASN B 182 -12.78 6.81 13.17
N LEU B 183 -12.81 6.70 11.84
CA LEU B 183 -13.46 7.72 11.01
C LEU B 183 -14.98 7.77 11.19
N LYS B 184 -15.60 6.67 11.67
CA LYS B 184 -17.04 6.68 11.98
C LYS B 184 -17.30 7.64 13.16
N GLN B 185 -16.44 7.57 14.21
CA GLN B 185 -16.54 8.44 15.37
C GLN B 185 -16.22 9.88 14.99
N LEU B 186 -15.24 10.08 14.09
CA LEU B 186 -14.96 11.45 13.62
C LEU B 186 -16.15 12.04 12.87
N ASN B 187 -16.74 11.27 11.94
CA ASN B 187 -17.85 11.75 11.12
C ASN B 187 -19.13 12.05 11.92
N ARG B 188 -19.27 11.49 13.14
CA ARG B 188 -20.39 11.84 14.04
C ARG B 188 -20.23 13.30 14.55
N MET B 189 -19.00 13.85 14.50
CA MET B 189 -18.75 15.23 14.96
C MET B 189 -19.10 16.22 13.86
N SER B 190 -19.68 17.37 14.22
CA SER B 190 -19.96 18.42 13.23
C SER B 190 -18.59 18.98 12.78
N VAL B 191 -18.51 19.59 11.59
CA VAL B 191 -17.24 20.17 11.11
C VAL B 191 -16.71 21.23 12.10
N PRO B 192 -17.55 22.15 12.62
CA PRO B 192 -17.05 23.09 13.64
C PRO B 192 -16.45 22.42 14.89
N ASP B 193 -17.05 21.29 15.37
CA ASP B 193 -16.49 20.57 16.52
C ASP B 193 -15.15 19.90 16.15
N GLN B 194 -15.02 19.37 14.92
CA GLN B 194 -13.74 18.79 14.49
C GLN B 194 -12.69 19.90 14.41
N GLU B 195 -13.09 21.09 13.96
CA GLU B 195 -12.16 22.23 13.84
C GLU B 195 -11.69 22.69 15.21
N MET B 196 -12.56 22.70 16.23
CA MET B 196 -12.12 23.07 17.59
C MET B 196 -11.25 21.96 18.20
N MET B 197 -11.44 20.70 17.76
CA MET B 197 -10.63 19.57 18.22
C MET B 197 -9.20 19.72 17.70
N ILE B 198 -9.05 20.11 16.42
CA ILE B 198 -7.74 20.26 15.79
C ILE B 198 -7.10 21.61 16.13
N GLY B 199 -7.86 22.68 16.00
CA GLY B 199 -7.37 24.04 16.18
C GLY B 199 -7.10 24.74 14.87
N ARG B 200 -7.54 24.14 13.72
CA ARG B 200 -7.42 24.75 12.39
C ARG B 200 -8.75 24.52 11.66
N THR B 201 -9.12 25.37 10.69
CA THR B 201 -10.37 25.15 9.96
C THR B 201 -10.13 23.96 9.01
N LYS B 202 -11.18 23.20 8.69
CA LYS B 202 -10.99 21.98 7.94
C LYS B 202 -10.75 22.20 6.44
N ASP B 203 -11.67 22.85 5.72
N ASP B 203 -11.67 22.85 5.72
CA ASP B 203 -11.49 23.09 4.28
CA ASP B 203 -11.49 23.08 4.29
C ASP B 203 -10.34 24.05 3.99
C ASP B 203 -10.35 24.05 3.98
N ALA B 204 -10.43 25.29 4.50
CA ALA B 204 -9.43 26.34 4.23
C ALA B 204 -8.11 26.21 4.99
N ASN B 205 -8.05 25.36 6.04
CA ASN B 205 -6.82 25.14 6.79
C ASN B 205 -6.21 26.44 7.38
N GLU B 206 -7.06 27.25 8.00
CA GLU B 206 -6.66 28.50 8.69
C GLU B 206 -6.51 28.21 10.19
N GLU B 207 -5.50 28.76 10.82
CA GLU B 207 -5.35 28.55 12.26
C GLU B 207 -6.48 29.25 13.02
N ILE B 208 -7.10 28.56 14.00
CA ILE B 208 -8.11 29.21 14.85
C ILE B 208 -7.25 29.85 15.93
N ASP B 209 -7.51 31.13 16.24
N ASP B 209 -7.50 31.12 16.23
CA ASP B 209 -6.71 31.86 17.24
CA ASP B 209 -6.77 31.90 17.25
C ASP B 209 -6.61 31.07 18.56
C ASP B 209 -6.63 31.08 18.58
N GLY B 210 -5.41 31.01 19.13
CA GLY B 210 -5.13 30.32 20.40
C GLY B 210 -6.04 30.71 21.56
N ASP B 211 -6.45 32.00 21.62
CA ASP B 211 -7.38 32.48 22.65
C ASP B 211 -8.86 32.07 22.36
N GLU B 212 -9.22 31.58 21.14
CA GLU B 212 -10.58 31.24 20.71
C GLU B 212 -10.82 29.73 20.55
N ARG B 213 -9.82 28.90 20.86
CA ARG B 213 -9.99 27.45 20.71
C ARG B 213 -9.73 26.79 22.06
N PRO B 214 -10.28 25.59 22.31
CA PRO B 214 -10.03 24.94 23.61
C PRO B 214 -8.56 24.64 23.86
N VAL B 215 -8.16 24.64 25.14
CA VAL B 215 -6.77 24.28 25.51
C VAL B 215 -6.49 22.79 25.18
N THR B 216 -7.54 21.95 25.03
CA THR B 216 -7.40 20.54 24.63
C THR B 216 -7.24 20.39 23.10
N SER B 217 -7.40 21.49 22.30
CA SER B 217 -7.25 21.38 20.84
C SER B 217 -5.84 20.89 20.53
N HIS B 218 -5.69 20.15 19.44
CA HIS B 218 -4.38 19.60 19.11
C HIS B 218 -3.31 20.70 19.06
N LEU B 219 -3.54 21.81 18.34
CA LEU B 219 -2.53 22.88 18.26
C LEU B 219 -2.18 23.42 19.65
N SER B 220 -3.19 23.60 20.52
CA SER B 220 -2.92 24.08 21.88
C SER B 220 -2.06 23.09 22.67
N ARG B 221 -2.22 21.78 22.41
CA ARG B 221 -1.40 20.76 23.08
C ARG B 221 0.05 20.74 22.57
N VAL B 222 0.28 20.95 21.26
CA VAL B 222 1.62 20.70 20.68
C VAL B 222 2.38 21.93 20.18
N ASP B 223 1.73 23.11 20.05
CA ASP B 223 2.44 24.32 19.65
C ASP B 223 2.90 24.95 20.97
N LEU B 224 4.04 24.45 21.48
CA LEU B 224 4.57 24.83 22.78
C LEU B 224 5.74 25.76 22.65
N LYS B 225 5.84 26.74 23.55
CA LYS B 225 6.96 27.68 23.56
C LYS B 225 7.54 27.74 24.97
N GLU B 226 8.84 28.00 25.07
CA GLU B 226 9.50 28.17 26.36
C GLU B 226 10.13 29.53 26.29
N ASP B 227 9.48 30.49 26.97
CA ASP B 227 9.80 31.91 26.93
C ASP B 227 9.88 32.40 25.46
N GLY B 228 8.83 32.09 24.69
CA GLY B 228 8.73 32.51 23.30
C GLY B 228 9.48 31.69 22.26
N LYS B 229 10.32 30.70 22.66
CA LYS B 229 11.06 29.87 21.69
C LYS B 229 10.23 28.61 21.46
N GLY B 230 9.79 28.37 20.22
CA GLY B 230 9.01 27.17 19.89
C GLY B 230 9.80 25.89 20.05
N LEU B 231 9.16 24.85 20.60
CA LEU B 231 9.77 23.52 20.73
C LEU B 231 9.43 22.81 19.41
N LYS B 232 10.22 23.10 18.38
CA LYS B 232 9.94 22.59 17.02
C LYS B 232 10.43 21.15 16.81
N ILE B 233 9.78 20.45 15.89
CA ILE B 233 10.18 19.10 15.45
C ILE B 233 9.98 19.02 13.93
N VAL B 234 10.68 18.09 13.25
CA VAL B 234 10.50 17.87 11.82
C VAL B 234 9.64 16.61 11.67
N ARG B 235 8.39 16.76 11.24
CA ARG B 235 7.49 15.61 11.09
C ARG B 235 7.61 15.00 9.70
N GLN B 236 7.60 13.66 9.61
CA GLN B 236 7.65 12.92 8.35
C GLN B 236 6.46 11.91 8.29
N SER B 237 5.39 12.19 9.06
CA SER B 237 4.24 11.28 9.15
C SER B 237 3.52 11.11 7.84
N LEU B 238 2.85 9.97 7.68
CA LEU B 238 2.00 9.75 6.51
C LEU B 238 0.81 8.89 6.89
N PRO B 239 -0.32 9.10 6.19
CA PRO B 239 -1.44 8.15 6.31
C PRO B 239 -1.03 6.71 5.93
N TYR B 240 -1.77 5.71 6.40
CA TYR B 240 -1.53 4.30 6.04
C TYR B 240 -2.83 3.54 6.23
N GLY B 241 -2.85 2.32 5.70
CA GLY B 241 -3.92 1.36 5.93
C GLY B 241 -4.78 1.01 4.75
N THR B 242 -5.85 0.28 5.05
CA THR B 242 -6.84 -0.14 4.07
C THR B 242 -8.14 0.62 4.37
N ALA B 243 -9.00 0.80 3.38
CA ALA B 243 -10.25 1.51 3.57
C ALA B 243 -11.20 0.70 4.46
N SER B 244 -11.19 -0.64 4.31
CA SER B 244 -12.08 -1.54 5.06
C SER B 244 -11.51 -2.05 6.39
N GLY B 245 -10.20 -1.91 6.60
CA GLY B 245 -9.54 -2.38 7.81
C GLY B 245 -8.96 -1.24 8.63
N THR B 246 -7.81 -1.49 9.24
CA THR B 246 -7.16 -0.50 10.09
C THR B 246 -6.51 0.58 9.23
N HIS B 247 -6.70 1.84 9.60
CA HIS B 247 -6.08 2.97 8.92
C HIS B 247 -5.90 4.11 9.91
N GLY B 248 -5.03 5.04 9.56
CA GLY B 248 -4.77 6.17 10.43
C GLY B 248 -3.54 6.91 9.98
N LEU B 249 -2.77 7.41 10.95
CA LEU B 249 -1.54 8.17 10.71
C LEU B 249 -0.38 7.43 11.31
N TYR B 250 0.71 7.26 10.54
CA TYR B 250 1.92 6.69 11.10
C TYR B 250 2.71 7.92 11.47
N PHE B 251 2.70 8.30 12.77
CA PHE B 251 3.39 9.51 13.18
C PHE B 251 4.89 9.27 13.25
N CYS B 252 5.69 10.17 12.66
CA CYS B 252 7.14 10.05 12.68
C CYS B 252 7.71 11.45 12.84
N ALA B 253 8.63 11.66 13.80
CA ALA B 253 9.26 12.98 13.94
C ALA B 253 10.72 12.88 14.28
N TYR B 254 11.49 13.87 13.79
CA TYR B 254 12.94 13.99 14.02
C TYR B 254 13.21 15.29 14.76
N CYS B 255 14.13 15.26 15.71
CA CYS B 255 14.50 16.48 16.45
C CYS B 255 15.93 16.36 16.97
N ALA B 256 16.67 17.49 16.98
CA ALA B 256 18.05 17.49 17.51
C ALA B 256 18.03 17.22 19.02
N ARG B 257 16.88 17.46 19.66
CA ARG B 257 16.70 17.13 21.07
C ARG B 257 15.46 16.29 21.24
N LEU B 258 15.59 15.21 22.01
CA LEU B 258 14.41 14.38 22.32
C LEU B 258 13.40 15.18 23.19
N TYR B 259 13.92 16.15 23.98
CA TYR B 259 13.13 17.02 24.85
C TYR B 259 11.90 17.63 24.16
N ASN B 260 12.05 18.21 22.96
CA ASN B 260 10.91 18.86 22.29
C ASN B 260 9.77 17.87 22.04
N ILE B 261 10.12 16.66 21.59
CA ILE B 261 9.12 15.64 21.33
C ILE B 261 8.44 15.25 22.64
N GLU B 262 9.25 14.98 23.69
CA GLU B 262 8.70 14.54 24.98
C GLU B 262 7.77 15.60 25.58
N GLN B 263 8.12 16.90 25.50
CA GLN B 263 7.21 17.92 26.06
C GLN B 263 5.84 17.88 25.34
N GLN B 264 5.83 17.63 24.02
CA GLN B 264 4.56 17.56 23.29
C GLN B 264 3.74 16.33 23.72
N LEU B 265 4.40 15.20 23.97
CA LEU B 265 3.72 13.98 24.44
C LEU B 265 3.16 14.14 25.84
N LEU B 266 3.97 14.71 26.75
CA LEU B 266 3.49 14.99 28.13
C LEU B 266 2.26 15.91 28.10
N SER B 267 2.24 16.87 27.16
CA SER B 267 1.10 17.76 27.02
C SER B 267 -0.12 17.00 26.45
N MET B 268 0.06 16.33 25.30
CA MET B 268 -1.04 15.60 24.66
C MET B 268 -1.69 14.55 25.56
N PHE B 269 -0.90 13.84 26.38
CA PHE B 269 -1.44 12.70 27.11
C PHE B 269 -1.77 12.98 28.59
N GLY B 270 -1.94 14.26 28.97
CA GLY B 270 -2.38 14.62 30.30
C GLY B 270 -1.36 14.72 31.40
N ASP B 271 -0.09 14.44 31.13
CA ASP B 271 0.93 14.49 32.21
C ASP B 271 1.29 15.88 32.66
N THR B 272 1.27 16.88 31.76
CA THR B 272 1.69 18.23 32.14
C THR B 272 0.64 18.97 32.96
N ASP B 273 -0.59 19.07 32.43
CA ASP B 273 -1.63 19.88 33.09
C ASP B 273 -2.95 19.16 33.35
N GLY B 274 -2.92 17.85 33.15
CA GLY B 274 -4.08 16.98 33.41
C GLY B 274 -5.10 17.00 32.29
N LYS B 275 -4.85 17.77 31.23
CA LYS B 275 -5.77 17.89 30.08
C LYS B 275 -5.21 17.05 28.91
N ARG B 276 -6.09 16.43 28.14
CA ARG B 276 -5.69 15.47 27.08
C ARG B 276 -6.05 16.03 25.71
N ASP B 277 -5.28 15.61 24.71
CA ASP B 277 -5.55 16.02 23.33
C ASP B 277 -6.98 15.60 22.93
N ALA B 278 -7.77 16.57 22.41
CA ALA B 278 -9.14 16.32 21.94
C ALA B 278 -9.20 15.26 20.82
N MET B 279 -8.10 15.03 20.07
CA MET B 279 -8.10 14.01 19.01
C MET B 279 -8.32 12.61 19.55
N LEU B 280 -8.09 12.38 20.85
CA LEU B 280 -8.35 11.08 21.46
C LEU B 280 -9.85 10.69 21.39
N ARG B 281 -10.74 11.62 21.03
CA ARG B 281 -12.16 11.33 20.81
C ARG B 281 -12.37 10.43 19.58
N PHE B 282 -11.45 10.46 18.58
CA PHE B 282 -11.64 9.63 17.37
C PHE B 282 -10.43 8.78 16.97
N THR B 283 -9.22 9.00 17.52
CA THR B 283 -8.04 8.23 17.12
C THR B 283 -7.20 7.88 18.33
N LYS B 284 -6.44 6.78 18.25
CA LYS B 284 -5.60 6.37 19.39
C LYS B 284 -4.24 5.87 18.96
N PRO B 285 -3.20 6.09 19.79
CA PRO B 285 -1.87 5.52 19.48
C PRO B 285 -1.84 4.06 19.92
N VAL B 286 -1.21 3.20 19.14
CA VAL B 286 -1.11 1.77 19.47
C VAL B 286 0.36 1.24 19.51
N THR B 287 1.35 2.05 19.09
CA THR B 287 2.77 1.71 19.20
C THR B 287 3.49 2.98 19.67
N GLY B 288 4.74 2.85 20.08
CA GLY B 288 5.53 3.99 20.51
C GLY B 288 7.00 3.60 20.72
N GLY B 289 7.92 4.35 20.12
CA GLY B 289 9.34 4.05 20.30
C GLY B 289 10.21 5.27 20.03
N TYR B 290 11.35 5.38 20.73
CA TYR B 290 12.35 6.42 20.51
C TYR B 290 13.58 5.74 19.93
N TYR B 291 14.26 6.42 19.01
CA TYR B 291 15.47 5.87 18.39
C TYR B 291 16.48 7.00 18.17
N PHE B 292 17.75 6.62 18.02
CA PHE B 292 18.80 7.57 17.72
C PHE B 292 19.32 7.25 16.31
N ALA B 293 19.28 8.27 15.47
CA ALA B 293 19.74 8.21 14.08
C ALA B 293 21.15 8.80 14.02
N PRO B 294 22.19 7.97 13.89
CA PRO B 294 23.50 8.51 13.79
C PRO B 294 23.72 9.18 12.43
N SER B 295 24.82 9.92 12.38
CA SER B 295 25.29 10.54 11.14
C SER B 295 25.88 9.43 10.27
N LEU B 296 26.01 9.71 8.99
CA LEU B 296 26.60 8.74 8.05
C LEU B 296 28.06 8.44 8.42
N GLU B 297 28.82 9.44 8.87
N GLU B 297 28.80 9.44 8.90
CA GLU B 297 30.22 9.20 9.27
CA GLU B 297 30.21 9.17 9.28
C GLU B 297 30.26 8.24 10.47
C GLU B 297 30.24 8.22 10.47
N ARG B 298 29.35 8.42 11.44
CA ARG B 298 29.26 7.54 12.62
C ARG B 298 28.94 6.11 12.20
N ILE B 299 28.04 5.92 11.22
CA ILE B 299 27.70 4.58 10.73
C ILE B 299 28.94 3.93 10.11
N GLN B 300 29.71 4.68 9.30
N GLN B 300 29.71 4.68 9.29
CA GLN B 300 30.92 4.14 8.68
CA GLN B 300 30.93 4.11 8.65
C GLN B 300 32.00 3.80 9.73
C GLN B 300 32.02 3.79 9.71
N ALA B 301 31.97 4.46 10.87
CA ALA B 301 32.96 4.24 11.96
C ALA B 301 32.52 3.14 12.91
N LEU B 302 31.51 2.36 12.56
CA LEU B 302 31.01 1.24 13.41
C LEU B 302 31.85 -0.05 13.29
N GLY B 303 32.70 -0.25 12.29
CA GLY B 303 33.37 -1.56 12.12
C GLY B 303 34.79 -1.57 11.55
CHA HEM C . 2.23 -14.37 -19.20
CHA HEM C . 2.28 -14.35 -19.16
CHB HEM C . 3.84 -14.40 -14.69
CHB HEM C . 3.80 -14.36 -14.66
CHC HEM C . -0.38 -16.26 -13.23
CHC HEM C . -0.40 -16.28 -13.26
CHD HEM C . -2.04 -16.09 -17.77
CHD HEM C . -1.97 -16.02 -17.73
C1A HEM C . 3.03 -14.18 -18.08
C1A HEM C . 3.06 -14.23 -18.06
C2A HEM C . 4.39 -13.73 -18.11
C2A HEM C . 4.40 -13.71 -18.06
C3A HEM C . 4.84 -13.75 -16.83
C3A HEM C . 4.81 -13.73 -16.79
C4A HEM C . 3.76 -14.24 -16.04
C4A HEM C . 3.74 -14.22 -16.00
CMA HEM C . 6.19 -13.33 -16.27
CMA HEM C . 6.15 -13.30 -16.26
CAA HEM C . 5.22 -13.33 -19.32
CAA HEM C . 5.21 -13.30 -19.27
CBA HEM C . 5.10 -11.87 -19.71
CBA HEM C . 5.04 -11.86 -19.70
CGA HEM C . 3.75 -11.56 -20.34
CGA HEM C . 3.71 -11.57 -20.35
O1A HEM C . 3.41 -11.90 -21.43
O1A HEM C . 3.54 -11.89 -21.49
O2A HEM C . 2.87 -10.92 -19.66
O2A HEM C . 2.86 -10.94 -19.72
C1B HEM C . 2.79 -14.90 -13.92
C1B HEM C . 2.77 -14.90 -13.89
C2B HEM C . 2.92 -14.99 -12.47
C2B HEM C . 2.91 -15.05 -12.47
C3B HEM C . 1.74 -15.55 -12.06
C3B HEM C . 1.71 -15.57 -12.05
C4B HEM C . 0.90 -15.73 -13.30
C4B HEM C . 0.88 -15.76 -13.29
CMB HEM C . 4.15 -14.58 -11.62
CMB HEM C . 4.12 -14.66 -11.66
CAB HEM C . 1.24 -15.87 -10.72
CAB HEM C . 1.29 -15.98 -10.73
CBB HEM C . 2.09 -16.33 -9.82
CBB HEM C . 2.09 -16.07 -9.72
C1C HEM C . -1.18 -16.41 -14.33
C1C HEM C . -1.23 -16.39 -14.33
C2C HEM C . -2.53 -16.95 -14.29
C2C HEM C . -2.55 -16.93 -14.33
C3C HEM C . -2.98 -16.94 -15.59
C3C HEM C . -2.99 -16.85 -15.64
C4C HEM C . -1.91 -16.35 -16.40
C4C HEM C . -1.91 -16.29 -16.40
CMC HEM C . -3.28 -17.44 -13.05
CMC HEM C . -3.30 -17.46 -13.12
CAC HEM C . -4.30 -17.31 -16.20
CAC HEM C . -4.28 -17.25 -16.22
CBC HEM C . -5.24 -17.99 -15.57
CBC HEM C . -5.23 -17.85 -15.57
C1D HEM C . -1.02 -15.50 -18.52
C1D HEM C . -0.92 -15.52 -18.48
C2D HEM C . -1.16 -15.23 -19.97
C2D HEM C . -1.03 -15.29 -19.96
C3D HEM C . 0.07 -14.84 -20.38
C3D HEM C . 0.17 -14.83 -20.34
C4D HEM C . 0.90 -14.81 -19.17
C4D HEM C . 1.00 -14.79 -19.11
CMD HEM C . -2.39 -15.41 -20.85
CMD HEM C . -2.19 -15.50 -20.88
CAD HEM C . 0.49 -14.46 -21.76
CAD HEM C . 0.55 -14.46 -21.74
CBD HEM C . 1.09 -15.75 -22.40
CBD HEM C . 1.09 -15.72 -22.43
CGD HEM C . 1.45 -15.52 -23.84
CGD HEM C . 1.51 -15.47 -23.86
O1D HEM C . 0.59 -15.38 -24.73
O1D HEM C . 0.62 -15.39 -24.68
O2D HEM C . 2.70 -15.50 -24.17
O2D HEM C . 2.69 -15.35 -24.15
NA HEM C . 2.65 -14.53 -16.83
NA HEM C . 2.71 -14.52 -16.80
NB HEM C . 1.57 -15.34 -14.39
NB HEM C . 1.59 -15.33 -14.27
NC HEM C . -0.82 -16.05 -15.61
NC HEM C . -0.90 -16.07 -15.57
ND HEM C . 0.21 -15.18 -18.08
ND HEM C . 0.29 -15.22 -18.05
FE HEM C . 0.93 -15.31 -16.25
FE HEM C . 0.91 -15.29 -16.26
HHB HEM C . 4.82 -14.61 -14.27
HHB HEM C . 4.71 -14.08 -14.15
HHC HEM C . -0.53 -17.02 -12.48
HHC HEM C . -0.79 -16.61 -12.29
HHD HEM C . -2.68 -16.77 -18.32
HHD HEM C . -2.90 -16.26 -18.26
HMA HEM C . 6.05 -12.74 -15.37
HMA HEM C . 6.01 -12.71 -15.36
HMAA HEM C . 6.75 -12.73 -16.99
HMAA HEM C . 6.66 -12.71 -17.02
HMAB HEM C . 6.78 -14.21 -16.02
HMAB HEM C . 6.75 -14.18 -16.02
HAA HEM C . 4.94 -13.95 -20.17
HAA HEM C . 4.92 -13.94 -20.12
HAAA HEM C . 6.26 -13.57 -19.09
HAAA HEM C . 6.26 -13.47 -19.06
HBA HEM C . 5.90 -11.59 -20.40
HBA HEM C . 5.84 -11.60 -20.39
HBAA HEM C . 5.25 -11.24 -18.83
HBAA HEM C . 5.13 -11.23 -18.81
HMB HEM C . 3.81 -14.25 -10.64
HMB HEM C . 3.80 -14.31 -10.67
HMBA HEM C . 4.71 -13.78 -12.09
HMBA HEM C . 4.65 -13.85 -12.16
HMBB HEM C . 4.83 -15.43 -11.48
HMBB HEM C . 4.78 -15.52 -11.55
HAB HEM C . 0.31 -15.39 -10.42
HAB HEM C . 0.29 -16.37 -10.61
HBB HEM C . 1.90 -16.28 -8.74
HBB HEM C . 1.68 -16.43 -8.78
HBBA HEM C . 3.05 -16.75 -10.09
HBBA HEM C . 3.11 -15.76 -9.75
HMC HEM C . -2.78 -17.17 -12.12
HMC HEM C . -2.76 -17.17 -12.21
HMCA HEM C . -3.37 -18.52 -13.07
HMCA HEM C . -3.36 -18.54 -13.17
HMCB HEM C . -4.28 -17.02 -13.03
HMCB HEM C . -4.31 -17.03 -13.10
HAC HEM C . -4.61 -16.66 -17.01
HAC HEM C . -4.42 -17.08 -17.29
HBC HEM C . -6.22 -17.57 -15.32
HBC HEM C . -6.14 -18.11 -16.10
HBCA HEM C . -5.18 -19.06 -15.41
HBCA HEM C . -5.17 -18.07 -14.52
HMD HEM C . -2.53 -14.55 -21.50
HMD HEM C . -2.29 -14.64 -21.52
HMDA HEM C . -3.29 -15.52 -20.24
HMDA HEM C . -3.10 -15.63 -20.29
HMDB HEM C . -2.29 -16.29 -21.48
HMDB HEM C . -2.02 -16.39 -21.48
HAD HEM C . 1.22 -13.64 -21.74
HAD HEM C . 1.31 -13.68 -21.73
HADA HEM C . -0.36 -14.09 -22.33
HADA HEM C . -0.34 -14.10 -22.28
HBD HEM C . 0.37 -16.56 -22.35
HBD HEM C . 0.32 -16.49 -22.42
HBDA HEM C . 1.97 -16.07 -21.84
HBDA HEM C . 1.96 -16.08 -21.87
HHA HEM C . 2.79 -14.68 -20.09
HHA HEM C . 2.71 -14.07 -20.12
C1 GOL D . -12.83 -12.50 -28.52
O1 GOL D . -13.60 -11.79 -29.49
C2 GOL D . -13.63 -12.67 -27.25
O2 GOL D . -14.86 -13.33 -27.54
C3 GOL D . -12.90 -13.47 -26.19
O3 GOL D . -11.63 -12.91 -25.93
H11 GOL D . -11.88 -11.99 -28.35
H12 GOL D . -12.57 -13.49 -28.93
HO1 GOL D . -13.00 -11.62 -30.25
H2 GOL D . -13.97 -11.71 -26.88
HO2 GOL D . -15.30 -12.86 -28.30
H31 GOL D . -12.79 -14.51 -26.51
H32 GOL D . -13.48 -13.50 -25.29
HO3 GOL D . -11.61 -12.76 -24.95
MG MG E . 2.47 -16.47 -28.03
C CYN F . 0.24 -13.34 -15.73
N CYN F . 0.21 -12.29 -15.36
CHA HEM G . 0.14 19.89 13.68
CHA HEM G . 0.08 19.82 13.70
CHB HEM G . -2.84 16.21 13.01
CHB HEM G . -2.78 16.11 12.98
CHC HEM G . -0.29 13.60 16.16
CHC HEM G . -0.30 13.61 16.25
CHD HEM G . 2.78 17.29 16.75
CHD HEM G . 2.75 17.25 16.73
C1A HEM G . -0.88 19.09 13.20
C1A HEM G . -0.93 19.04 13.24
C2A HEM G . -1.91 19.52 12.30
C2A HEM G . -1.91 19.48 12.29
C3A HEM G . -2.75 18.48 12.12
C3A HEM G . -2.72 18.42 12.09
C4A HEM G . -2.23 17.42 12.93
C4A HEM G . -2.23 17.35 12.90
CMA HEM G . -3.97 18.38 11.22
CMA HEM G . -3.93 18.35 11.20
CAA HEM G . -2.07 20.89 11.67
CAA HEM G . -2.04 20.85 11.67
CBA HEM G . -1.33 21.09 10.35
CBA HEM G . -1.28 20.95 10.36
CGA HEM G . 0.17 21.21 10.55
CGA HEM G . 0.21 21.17 10.54
O1A HEM G . 0.87 20.27 10.26
O1A HEM G . 0.97 20.25 10.30
O2A HEM G . 0.74 22.31 10.96
O2A HEM G . 0.61 22.28 10.92
C1B HEM G . -2.35 15.17 13.82
C1B HEM G . -2.34 15.12 13.82
C2B HEM G . -3.01 13.87 13.81
C2B HEM G . -3.01 13.85 13.91
C3B HEM G . -2.30 13.13 14.72
C3B HEM G . -2.28 13.12 14.80
C4B HEM G . -1.21 14.02 15.24
C4B HEM G . -1.20 14.02 15.30
CMB HEM G . -4.23 13.44 12.95
CMB HEM G . -4.18 13.47 13.05
CAB HEM G . -2.42 11.73 15.16
CAB HEM G . -2.51 11.80 15.35
CBB HEM G . -3.63 11.21 15.24
CBB HEM G . -3.64 11.20 15.18
C1C HEM G . 0.74 14.38 16.63
C1C HEM G . 0.75 14.35 16.69
C2C HEM G . 1.72 13.93 17.59
C2C HEM G . 1.71 13.94 17.65
C3C HEM G . 2.57 15.00 17.80
C3C HEM G . 2.60 15.01 17.79
C4C HEM G . 2.11 16.06 16.89
C4C HEM G . 2.12 16.03 16.90
CMC HEM G . 1.80 12.56 18.26
CMC HEM G . 1.74 12.60 18.35
CAC HEM G . 3.81 15.18 18.62
CAC HEM G . 3.81 15.19 18.63
CBC HEM G . 4.18 14.31 19.55
CBC HEM G . 4.25 14.30 19.46
C1D HEM G . 2.34 18.29 15.87
C1D HEM G . 2.26 18.25 15.90
C2D HEM G . 3.06 19.59 15.73
C2D HEM G . 2.93 19.58 15.79
C3D HEM G . 2.26 20.33 14.93
C3D HEM G . 2.18 20.29 14.94
C4D HEM G . 1.13 19.47 14.56
C4D HEM G . 1.06 19.40 14.58
CMD HEM G . 4.35 20.01 16.36
CMD HEM G . 4.18 20.02 16.46
CAD HEM G . 2.50 21.74 14.47
CAD HEM G . 2.42 21.71 14.52
CBD HEM G . 1.75 22.65 15.50
CBD HEM G . 1.77 22.65 15.55
CGD HEM G . 2.01 24.10 15.23
CGD HEM G . 2.07 24.10 15.22
O1D HEM G . 1.14 24.73 14.81
O1D HEM G . 1.21 24.77 14.67
O2D HEM G . 3.17 24.60 15.48
O2D HEM G . 3.15 24.59 15.52
NA HEM G . -1.10 17.81 13.62
NA HEM G . -1.16 17.77 13.57
NB HEM G . -1.27 15.25 14.67
NB HEM G . -1.33 15.13 14.66
NC HEM G . 0.99 15.67 16.21
NC HEM G . 1.03 15.58 16.29
ND HEM G . 1.23 18.25 15.13
ND HEM G . 1.17 18.22 15.18
FE HEM G . -0.08 16.76 14.95
FE HEM G . -0.07 16.77 14.94
HHB HEM G . -3.91 16.15 12.83
HHB HEM G . -3.66 15.90 12.36
HHC HEM G . -0.66 12.89 16.90
HHC HEM G . -0.42 12.61 16.66
HHD HEM G . 3.31 17.65 17.63
HHD HEM G . 3.66 17.45 17.29
HMA HEM G . -3.96 17.44 10.68
HMA HEM G . -3.91 17.41 10.65
HMAA HEM G . -4.00 19.17 10.49
HMAA HEM G . -3.90 19.18 10.49
HMAB HEM G . -4.88 18.42 11.82
HMAB HEM G . -4.84 18.41 11.80
HAA HEM G . -1.75 21.66 12.38
HAA HEM G . -1.63 21.59 12.37
HAAA HEM G . -3.14 21.05 11.52
HAAA HEM G . -3.09 21.07 11.50
HBA HEM G . -1.70 21.98 9.84
HBA HEM G . -1.69 21.76 9.78
HBAA HEM G . -1.55 20.26 9.68
HBAA HEM G . -1.43 20.01 9.81
HMB HEM G . -4.16 12.38 12.71
HMB HEM G . -4.13 12.42 12.80
HMBA HEM G . -4.28 14.00 12.02
HMBA HEM G . -4.18 14.07 12.14
HMBB HEM G . -5.16 13.62 13.49
HMBB HEM G . -5.11 13.67 13.60
HAB HEM G . -1.54 11.11 15.00
HAB HEM G . -1.81 11.38 16.05
HBB HEM G . -3.82 10.13 15.21
HBB HEM G . -3.78 10.23 15.64
HBBA HEM G . -4.53 11.83 15.30
HBBA HEM G . -4.42 11.58 14.54
HMC HEM G . 1.14 11.82 17.79
HMC HEM G . 1.07 11.92 17.85
HMCA HEM G . 1.51 12.63 19.31
HMCA HEM G . 1.44 12.72 19.39
HMCB HEM G . 2.81 12.17 18.22
HMCB HEM G . 2.75 12.20 18.31
HAC HEM G . 4.58 15.79 18.14
HAC HEM G . 4.35 16.12 18.55
HBC HEM G . 5.10 13.73 19.49
HBC HEM G . 5.14 14.51 20.05
HBCA HEM G . 3.71 14.28 20.54
HBCA HEM G . 3.75 13.36 19.58
HMD HEM G . 5.01 20.51 15.64
HMD HEM G . 4.81 20.53 15.73
HMDA HEM G . 4.91 19.16 16.75
HMDA HEM G . 4.70 19.16 16.86
HMDB HEM G . 4.18 20.71 17.18
HMDB HEM G . 3.92 20.71 17.26
HAD HEM G . 2.13 21.89 13.46
HAD HEM G . 1.98 21.87 13.54
HADA HEM G . 3.56 21.96 14.46
HADA HEM G . 3.50 21.89 14.47
HBD HEM G . 2.09 22.44 16.52
HBD HEM G . 2.17 22.42 16.54
HBDA HEM G . 0.68 22.43 15.47
HBDA HEM G . 0.70 22.50 15.55
HHA HEM G . -0.16 20.93 13.81
HHA HEM G . 0.14 20.84 13.31
C1 GOL H . 15.96 21.56 18.56
O1 GOL H . 14.98 21.59 17.53
C2 GOL H . 17.26 22.13 18.07
O2 GOL H . 18.23 21.99 19.10
C3 GOL H . 17.15 23.60 17.71
O3 GOL H . 18.44 24.12 17.39
H11 GOL H . 16.08 20.55 18.93
H12 GOL H . 15.59 22.13 19.41
HO1 GOL H . 14.93 20.66 17.19
H2 GOL H . 17.68 21.55 17.25
HO2 GOL H . 19.03 22.54 18.86
H31 GOL H . 16.69 24.16 18.51
H32 GOL H . 16.48 23.71 16.84
HO3 GOL H . 18.29 25.07 17.16
MG MG I . 2.19 28.36 15.83
C CYN J . 1.01 15.93 13.31
N CYN J . 1.38 15.34 12.46
#